data_5ACA
#
_entry.id   5ACA
#
_cell.length_a   1.000
_cell.length_b   1.000
_cell.length_c   1.000
_cell.angle_alpha   90.00
_cell.angle_beta   90.00
_cell.angle_gamma   90.00
#
_symmetry.space_group_name_H-M   'P 1'
#
loop_
_entity.id
_entity.type
_entity.pdbx_description
1 polymer VP1
2 polymer VP2
3 polymer VP3
4 polymer VP4
#
loop_
_entity_poly.entity_id
_entity_poly.type
_entity_poly.pdbx_seq_one_letter_code
_entity_poly.pdbx_strand_id
1 'polypeptide(L)'
;TTSSGEGADVVTTDPSTHGGAVTEKKRVHTDVAFVMDRFTHVLTNRTAFAVDLMDTNEKTLVGALLRAATYYFCDLEIAC
LGEHERVWWQPNGAPRTTTLRDNPMVFSHNNVTRFAVPYTAPHRLLSTRYNGECKYTQQSTAIRGDRAVLAAKYANTKHK
LPSTFNFGYVTADKPVDVYYRMKRAELYCPRPLLPGYDHADRDRFDSPIGVEKQ
;
1
2 'polypeptide(L)'
;RILTTRHGTTTSTTQSSVGITYGYADADSFRPGPNTSGLETRVEQAERFFKEKLFDWTSDKPFGTLYVLELPKDHKGIYG
YLTDAYTYMRNGWDVQVSATSTQFNGGSLLVAMVPELCSLKDREEFQLSLYPHQFINPRTNTTAHIQVPYLGVNRHDQGK
RHQAWSLVVMVLTPLTTEAQMQSGTVEVYANIAPTNVFVAGEKPAKQ
;
2
3 'polypeptide(L)'
;GIIPVACFDGYGGFQNTDPKTADPIYGYVYNPSRNDCHGRYSNLLDVAEACPTFLNFDGKPYVVTKNNGDKVMTCFDVAF
THKVHKNTFLAGLADYYAQYQGSLNYHFMYTGPTHHKAKFMVAYIPPGIETDRLPKTPEDAAHCYHSEWDTGLNSQFTFA
VPYVSASDFSYTHTDTPAMATTNGWVAVFQVTDTHSAEAAVVVSVSAGPDLEFRFPVDPVRQ
;
3
4 'polypeptide(L)'
;GAGHSSPVTGSQNQSGNTGSIINNYYMQQYQNSMDTQLGDNAISGGSNEGSTDTTSTHTNNTQNNDWFSKLAQSAISGLF
GALLA
;
4
#
# COMPACT_ATOMS: atom_id res chain seq x y z
N THR A 1 18.60 21.89 -31.82
CA THR A 1 18.46 20.44 -31.83
C THR A 1 16.99 20.08 -31.95
N THR A 2 16.45 20.25 -33.15
CA THR A 2 15.04 20.01 -33.40
C THR A 2 14.67 18.55 -33.22
N SER A 3 13.53 18.30 -32.58
CA SER A 3 13.01 16.96 -32.44
C SER A 3 11.54 17.06 -32.10
N SER A 4 10.74 16.06 -32.48
CA SER A 4 9.32 16.11 -32.16
C SER A 4 9.14 16.08 -30.66
N GLY A 5 8.30 16.96 -30.14
CA GLY A 5 8.12 17.05 -28.71
C GLY A 5 6.88 16.33 -28.23
N GLU A 6 6.03 15.97 -29.17
CA GLU A 6 4.76 15.33 -28.84
C GLU A 6 4.96 13.95 -28.22
N GLY A 7 6.05 13.30 -28.56
CA GLY A 7 6.30 11.96 -28.09
C GLY A 7 6.85 11.93 -26.69
N ALA A 8 7.12 13.12 -26.16
CA ALA A 8 7.67 13.28 -24.82
C ALA A 8 8.95 12.49 -24.62
N ASP A 9 9.70 12.29 -25.69
CA ASP A 9 11.01 11.66 -25.59
C ASP A 9 11.94 12.58 -24.82
N VAL A 10 12.81 12.00 -24.01
CA VAL A 10 13.76 12.77 -23.25
C VAL A 10 14.79 13.38 -24.19
N VAL A 11 15.16 14.63 -23.96
CA VAL A 11 16.20 15.29 -24.73
C VAL A 11 17.07 16.11 -23.78
N THR A 12 18.38 15.89 -23.86
CA THR A 12 19.32 16.63 -23.01
C THR A 12 20.58 16.99 -23.77
N THR A 13 20.65 18.21 -24.29
CA THR A 13 21.82 18.66 -25.03
C THR A 13 22.75 19.53 -24.20
N ASP A 14 24.03 19.16 -24.19
CA ASP A 14 25.10 19.95 -23.61
C ASP A 14 25.51 21.07 -24.56
N PRO A 15 26.15 22.14 -24.05
CA PRO A 15 26.68 23.22 -24.88
C PRO A 15 27.62 22.79 -26.01
N SER A 16 27.79 21.48 -26.19
CA SER A 16 28.66 20.95 -27.23
C SER A 16 28.14 21.34 -28.60
N THR A 17 26.85 21.64 -28.67
CA THR A 17 26.23 22.07 -29.91
C THR A 17 26.81 23.39 -30.40
N HIS A 18 27.35 24.17 -29.46
CA HIS A 18 28.00 25.42 -29.81
C HIS A 18 29.51 25.36 -29.62
N GLY A 19 30.05 24.14 -29.61
CA GLY A 19 31.49 23.95 -29.53
C GLY A 19 32.13 23.90 -28.16
N GLY A 20 31.31 24.00 -27.12
CA GLY A 20 31.83 23.92 -25.76
C GLY A 20 31.67 22.57 -25.10
N ALA A 21 32.78 21.95 -24.72
CA ALA A 21 32.74 20.67 -24.04
C ALA A 21 32.26 20.80 -22.60
N VAL A 22 31.53 19.80 -22.11
CA VAL A 22 31.07 19.76 -20.73
C VAL A 22 31.16 18.34 -20.19
N THR A 23 32.11 18.11 -19.28
CA THR A 23 32.25 16.79 -18.66
C THR A 23 31.10 16.50 -17.69
N GLU A 24 30.70 15.24 -17.61
CA GLU A 24 29.64 14.85 -16.69
C GLU A 24 30.10 15.00 -15.24
N LYS A 25 29.24 15.54 -14.40
CA LYS A 25 29.53 15.66 -12.98
C LYS A 25 28.86 14.54 -12.20
N LYS A 26 29.51 14.07 -11.15
CA LYS A 26 28.95 13.01 -10.32
C LYS A 26 28.37 13.61 -9.04
N ARG A 27 27.15 14.11 -9.16
CA ARG A 27 26.46 14.79 -8.07
C ARG A 27 26.16 13.84 -6.90
N VAL A 28 26.34 14.34 -5.69
CA VAL A 28 26.17 13.53 -4.50
C VAL A 28 25.16 14.16 -3.54
N HIS A 29 25.14 15.49 -3.48
CA HIS A 29 24.20 16.18 -2.61
C HIS A 29 22.79 16.18 -3.16
N THR A 30 22.62 15.79 -4.42
CA THR A 30 21.28 15.71 -4.99
C THR A 30 20.71 14.33 -4.72
N ASP A 31 21.55 13.42 -4.25
CA ASP A 31 21.16 12.02 -4.05
C ASP A 31 20.08 11.90 -2.98
N VAL A 32 19.12 11.00 -3.20
CA VAL A 32 17.99 10.89 -2.29
C VAL A 32 18.42 10.34 -0.94
N ALA A 33 19.20 9.27 -0.96
CA ALA A 33 19.61 8.59 0.26
C ALA A 33 20.45 9.50 1.14
N PHE A 34 21.16 10.43 0.51
CA PHE A 34 21.98 11.37 1.25
C PHE A 34 21.19 12.55 1.79
N VAL A 35 20.26 13.07 0.99
CA VAL A 35 19.49 14.23 1.40
C VAL A 35 18.48 13.92 2.49
N MET A 36 17.78 12.81 2.34
CA MET A 36 16.64 12.55 3.22
C MET A 36 17.10 12.18 4.61
N ASP A 37 18.37 11.86 4.74
CA ASP A 37 18.94 11.34 5.99
C ASP A 37 19.35 12.44 6.98
N ARG A 38 18.38 13.12 7.57
CA ARG A 38 18.63 14.21 8.51
C ARG A 38 17.53 14.33 9.57
N PHE A 39 17.85 14.94 10.70
CA PHE A 39 16.85 15.18 11.73
C PHE A 39 16.05 16.45 11.47
N THR A 40 15.02 16.33 10.64
CA THR A 40 14.09 17.44 10.44
C THR A 40 13.27 17.67 11.70
N HIS A 41 13.07 18.94 12.06
CA HIS A 41 12.19 19.29 13.16
C HIS A 41 10.76 19.03 12.73
N VAL A 42 9.90 18.53 13.61
CA VAL A 42 8.54 18.25 13.19
C VAL A 42 7.48 18.87 14.09
N LEU A 43 7.67 18.79 15.41
CA LEU A 43 6.66 19.31 16.32
C LEU A 43 7.19 19.61 17.72
N THR A 44 6.52 20.55 18.38
CA THR A 44 7.02 21.19 19.60
C THR A 44 6.04 21.05 20.76
N ASN A 45 6.57 20.81 21.95
CA ASN A 45 5.79 20.76 23.19
C ASN A 45 4.59 19.82 23.11
N ARG A 46 4.84 18.59 22.71
CA ARG A 46 3.78 17.60 22.59
C ARG A 46 4.13 16.30 23.29
N THR A 47 3.23 15.81 24.13
CA THR A 47 3.42 14.54 24.80
C THR A 47 3.17 13.40 23.83
N ALA A 48 2.01 12.74 23.97
CA ALA A 48 1.66 11.64 23.09
C ALA A 48 1.38 12.11 21.67
N PHE A 49 1.81 11.31 20.70
CA PHE A 49 1.53 11.59 19.29
C PHE A 49 1.75 10.36 18.44
N ALA A 50 1.01 10.25 17.35
CA ALA A 50 1.30 9.22 16.36
C ALA A 50 2.56 9.62 15.63
N VAL A 51 3.34 8.65 15.17
CA VAL A 51 4.60 8.96 14.53
C VAL A 51 4.33 9.03 13.03
N ASP A 52 3.26 9.72 12.67
CA ASP A 52 2.96 9.96 11.27
C ASP A 52 4.04 10.85 10.69
N LEU A 53 4.52 10.50 9.51
CA LEU A 53 5.69 11.18 8.95
C LEU A 53 5.26 12.37 8.10
N MET A 54 3.95 12.55 7.96
CA MET A 54 3.42 13.70 7.24
C MET A 54 3.22 14.89 8.17
N ASP A 55 3.66 14.75 9.41
CA ASP A 55 3.61 15.86 10.36
C ASP A 55 4.73 16.84 10.08
N THR A 56 5.67 16.43 9.24
CA THR A 56 6.80 17.27 8.87
C THR A 56 6.32 18.54 8.21
N ASN A 57 6.97 19.67 8.52
CA ASN A 57 6.61 20.93 7.91
C ASN A 57 6.92 20.85 6.42
N GLU A 58 6.03 21.39 5.59
CA GLU A 58 6.17 21.26 4.15
C GLU A 58 7.22 22.20 3.56
N LYS A 59 7.63 23.19 4.33
CA LYS A 59 8.65 24.12 3.86
C LYS A 59 10.07 23.64 4.17
N THR A 60 10.20 22.64 5.03
CA THR A 60 11.51 22.09 5.35
C THR A 60 12.02 21.22 4.21
N LEU A 61 13.33 21.06 4.14
CA LEU A 61 13.95 20.28 3.07
C LEU A 61 13.37 18.87 3.00
N VAL A 62 13.40 18.17 4.13
CA VAL A 62 12.97 16.79 4.19
C VAL A 62 11.49 16.64 3.90
N GLY A 63 10.67 17.54 4.41
CA GLY A 63 9.25 17.46 4.19
C GLY A 63 8.84 17.77 2.76
N ALA A 64 9.52 18.73 2.16
CA ALA A 64 9.20 19.13 0.81
C ALA A 64 9.61 18.05 -0.16
N LEU A 65 10.81 17.54 0.01
CA LEU A 65 11.26 16.46 -0.87
C LEU A 65 10.46 15.19 -0.62
N LEU A 66 9.99 15.01 0.60
CA LEU A 66 9.12 13.87 0.90
C LEU A 66 7.78 14.00 0.19
N ARG A 67 7.31 15.23 0.02
CA ARG A 67 6.07 15.45 -0.71
C ARG A 67 6.32 15.54 -2.20
N ALA A 68 7.59 15.49 -2.59
CA ALA A 68 7.95 15.41 -4.00
C ALA A 68 7.83 13.98 -4.49
N ALA A 69 7.56 13.05 -3.58
CA ALA A 69 7.42 11.65 -3.94
C ALA A 69 6.07 11.13 -3.52
N THR A 70 5.48 10.25 -4.33
CA THR A 70 4.18 9.69 -4.02
C THR A 70 4.28 8.55 -3.02
N TYR A 71 5.23 7.65 -3.23
CA TYR A 71 5.43 6.53 -2.32
C TYR A 71 6.79 6.65 -1.66
N TYR A 72 6.97 6.03 -0.51
CA TYR A 72 8.28 6.07 0.13
C TYR A 72 8.50 4.91 1.09
N PHE A 73 9.77 4.56 1.30
CA PHE A 73 10.13 3.57 2.29
C PHE A 73 11.28 4.07 3.15
N CYS A 74 11.11 3.96 4.46
CA CYS A 74 12.11 4.46 5.39
C CYS A 74 12.17 3.70 6.70
N ASP A 75 13.37 3.31 7.12
CA ASP A 75 13.60 3.06 8.52
C ASP A 75 13.62 4.44 9.15
N LEU A 76 13.39 4.57 10.44
CA LEU A 76 13.27 5.90 10.99
C LEU A 76 14.15 6.02 12.23
N GLU A 77 14.52 7.23 12.60
CA GLU A 77 15.18 7.45 13.88
C GLU A 77 14.58 8.66 14.58
N ILE A 78 14.03 8.44 15.76
CA ILE A 78 13.37 9.50 16.49
C ILE A 78 14.32 10.11 17.50
N ALA A 79 14.26 11.44 17.66
CA ALA A 79 15.08 12.11 18.66
C ALA A 79 14.28 13.17 19.39
N CYS A 80 13.79 12.82 20.57
CA CYS A 80 13.08 13.76 21.42
C CYS A 80 14.01 14.66 22.21
N LEU A 81 13.55 15.87 22.53
CA LEU A 81 14.34 16.82 23.32
C LEU A 81 13.47 17.52 24.34
N GLY A 82 14.10 18.10 25.36
CA GLY A 82 13.36 18.77 26.42
C GLY A 82 13.23 17.87 27.63
N GLU A 83 12.95 18.46 28.79
CA GLU A 83 12.95 17.69 30.04
C GLU A 83 11.89 16.60 30.04
N HIS A 84 12.32 15.38 30.31
CA HIS A 84 11.42 14.24 30.45
C HIS A 84 12.21 13.06 31.00
N GLU A 85 11.54 12.15 31.70
CA GLU A 85 12.24 10.97 32.20
C GLU A 85 12.34 9.87 31.16
N ARG A 86 11.29 9.67 30.39
CA ARG A 86 11.23 8.49 29.53
C ARG A 86 10.26 8.59 28.37
N VAL A 87 10.48 7.73 27.38
CA VAL A 87 9.71 7.76 26.14
C VAL A 87 9.30 6.35 25.75
N TRP A 88 7.99 6.12 25.67
CA TRP A 88 7.47 4.84 25.19
C TRP A 88 7.21 4.86 23.70
N TRP A 89 7.26 3.70 23.06
CA TRP A 89 6.98 3.59 21.63
C TRP A 89 6.14 2.37 21.27
N GLN A 90 4.88 2.58 20.93
CA GLN A 90 4.04 1.46 20.48
C GLN A 90 4.15 1.21 18.99
N PRO A 91 4.50 -0.02 18.60
CA PRO A 91 4.62 -0.42 17.20
C PRO A 91 3.28 -0.33 16.50
N ASN A 92 3.29 -0.09 15.19
CA ASN A 92 2.06 0.17 14.45
C ASN A 92 1.06 -0.95 14.64
N GLY A 93 -0.19 -0.57 14.86
CA GLY A 93 -1.27 -1.51 15.06
C GLY A 93 -1.54 -1.90 16.51
N ALA A 94 -0.68 -1.47 17.43
CA ALA A 94 -0.91 -1.72 18.84
C ALA A 94 -2.03 -0.82 19.36
N PRO A 95 -2.93 -1.39 20.18
CA PRO A 95 -4.06 -0.62 20.71
C PRO A 95 -3.63 0.55 21.59
N ARG A 96 -4.33 1.67 21.51
CA ARG A 96 -4.01 2.83 22.32
C ARG A 96 -4.38 2.60 23.78
N THR A 97 -3.54 3.08 24.69
CA THR A 97 -3.81 3.03 26.12
C THR A 97 -3.24 4.26 26.82
N THR A 98 -4.00 4.82 27.75
CA THR A 98 -3.56 5.99 28.50
C THR A 98 -2.37 5.69 29.41
N THR A 99 -2.32 4.46 29.92
CA THR A 99 -1.18 4.01 30.71
C THR A 99 -0.33 3.10 29.86
N LEU A 100 0.97 3.01 30.18
CA LEU A 100 1.85 2.13 29.42
C LEU A 100 2.79 1.34 30.31
N ARG A 101 3.00 0.10 29.93
CA ARG A 101 3.89 -0.81 30.66
C ARG A 101 4.52 -1.75 29.66
N ASP A 102 5.75 -2.16 29.91
CA ASP A 102 6.38 -3.23 29.14
C ASP A 102 6.53 -2.94 27.65
N ASN A 103 5.84 -1.91 27.16
CA ASN A 103 6.02 -1.43 25.80
C ASN A 103 7.42 -0.84 25.73
N PRO A 104 8.03 -0.85 24.53
CA PRO A 104 9.43 -0.46 24.49
C PRO A 104 9.61 0.97 24.99
N MET A 105 10.71 1.21 25.70
CA MET A 105 10.84 2.41 26.50
C MET A 105 12.29 2.85 26.57
N VAL A 106 12.53 4.16 26.57
CA VAL A 106 13.89 4.67 26.63
C VAL A 106 13.97 5.83 27.63
N PHE A 107 14.82 5.72 28.63
CA PHE A 107 15.10 6.87 29.47
C PHE A 107 15.95 7.90 28.75
N SER A 108 15.76 9.16 29.09
CA SER A 108 16.55 10.24 28.53
C SER A 108 17.95 10.24 29.10
N HIS A 109 18.90 10.75 28.33
CA HIS A 109 20.25 10.98 28.83
C HIS A 109 20.64 12.41 28.50
N ASN A 110 20.77 13.25 29.53
CA ASN A 110 20.99 14.68 29.35
C ASN A 110 19.91 15.32 28.50
N ASN A 111 18.66 15.00 28.83
CA ASN A 111 17.50 15.61 28.19
C ASN A 111 17.48 15.43 26.68
N VAL A 112 17.95 14.28 26.20
CA VAL A 112 17.90 13.94 24.80
C VAL A 112 17.53 12.47 24.71
N THR A 113 16.71 12.10 23.74
CA THR A 113 16.33 10.69 23.60
C THR A 113 16.32 10.26 22.14
N ARG A 114 17.39 9.60 21.71
CA ARG A 114 17.50 9.14 20.34
C ARG A 114 17.34 7.62 20.28
N PHE A 115 16.51 7.13 19.35
CA PHE A 115 16.41 5.69 19.14
C PHE A 115 15.90 5.35 17.75
N ALA A 116 16.22 4.14 17.29
CA ALA A 116 15.90 3.74 15.93
C ALA A 116 14.61 2.93 15.86
N VAL A 117 13.68 3.41 15.06
CA VAL A 117 12.42 2.74 14.82
C VAL A 117 12.43 2.01 13.49
N PRO A 118 12.32 0.68 13.52
CA PRO A 118 12.22 -0.15 12.31
C PRO A 118 10.93 0.16 11.56
N TYR A 119 10.94 0.02 10.24
CA TYR A 119 9.73 0.22 9.45
C TYR A 119 8.70 -0.80 9.94
N THR A 120 7.47 -0.35 10.14
CA THR A 120 6.52 -1.16 10.89
C THR A 120 5.21 -1.40 10.16
N ALA A 121 4.82 -0.44 9.31
CA ALA A 121 3.51 -0.49 8.66
C ALA A 121 3.39 -1.71 7.76
N PRO A 122 2.22 -2.36 7.79
CA PRO A 122 1.97 -3.58 7.02
C PRO A 122 2.13 -3.40 5.51
N HIS A 123 1.81 -2.21 5.01
CA HIS A 123 1.87 -1.92 3.59
C HIS A 123 3.30 -2.02 3.11
N ARG A 124 3.52 -2.52 1.89
CA ARG A 124 4.88 -2.68 1.42
C ARG A 124 5.50 -1.31 1.17
N LEU A 125 4.64 -0.31 0.98
CA LEU A 125 5.06 1.06 0.80
C LEU A 125 4.05 2.01 1.43
N LEU A 126 4.53 3.12 1.97
CA LEU A 126 3.64 4.16 2.45
C LEU A 126 3.39 5.13 1.30
N SER A 127 2.48 6.08 1.49
CA SER A 127 2.27 7.09 0.46
C SER A 127 1.93 8.44 1.08
N THR A 128 2.41 9.50 0.42
CA THR A 128 2.18 10.85 0.89
C THR A 128 0.81 11.36 0.50
N ARG A 129 0.16 10.64 -0.40
CA ARG A 129 -1.16 11.03 -0.89
C ARG A 129 -1.93 9.77 -1.27
N TYR A 130 -3.23 9.77 -1.03
CA TYR A 130 -4.01 8.56 -1.16
C TYR A 130 -5.42 8.86 -1.63
N ASN A 131 -5.76 8.39 -2.83
CA ASN A 131 -7.05 8.68 -3.43
C ASN A 131 -8.13 7.73 -2.90
N GLY A 132 -8.61 8.00 -1.70
CA GLY A 132 -9.66 7.20 -1.10
C GLY A 132 -11.03 7.80 -1.31
N GLU A 133 -11.58 7.60 -2.50
CA GLU A 133 -12.89 8.15 -2.88
C GLU A 133 -12.95 9.66 -2.72
N CYS A 134 -11.83 10.34 -2.95
CA CYS A 134 -11.78 11.79 -2.88
C CYS A 134 -11.85 12.37 -4.28
N LYS A 135 -12.80 11.88 -5.08
CA LYS A 135 -13.01 12.37 -6.44
C LYS A 135 -13.46 13.82 -6.40
N TYR A 136 -13.07 14.59 -7.42
CA TYR A 136 -13.46 15.99 -7.47
C TYR A 136 -13.59 16.48 -8.90
N THR A 137 -14.45 17.46 -9.11
CA THR A 137 -14.59 18.11 -10.41
C THR A 137 -14.02 19.53 -10.35
N GLN A 138 -13.30 19.81 -9.26
CA GLN A 138 -12.72 21.13 -9.04
C GLN A 138 -11.71 21.50 -10.12
N LYS A 160 -7.75 12.74 3.10
CA LYS A 160 -6.77 12.60 4.18
C LYS A 160 -6.26 11.17 4.26
N LEU A 161 -4.98 11.02 4.55
CA LEU A 161 -4.38 9.70 4.60
C LEU A 161 -4.91 8.83 5.74
N PRO A 162 -5.18 7.58 5.41
CA PRO A 162 -5.65 6.59 6.40
C PRO A 162 -4.63 6.26 7.48
N SER A 163 -5.12 5.95 8.66
CA SER A 163 -4.32 5.86 9.88
C SER A 163 -3.24 4.78 9.85
N THR A 164 -3.39 3.79 8.98
CA THR A 164 -2.44 2.70 8.91
C THR A 164 -1.06 3.19 8.46
N PHE A 165 -1.01 4.33 7.79
CA PHE A 165 0.24 4.91 7.32
C PHE A 165 1.02 5.62 8.42
N ASN A 166 1.64 4.86 9.31
CA ASN A 166 2.50 5.47 10.32
C ASN A 166 3.54 4.50 10.86
N PHE A 167 4.60 5.04 11.45
CA PHE A 167 5.70 4.23 11.97
C PHE A 167 5.55 3.81 13.43
N GLY A 168 4.46 4.22 14.07
CA GLY A 168 4.25 3.86 15.46
C GLY A 168 3.42 4.84 16.24
N TYR A 169 3.68 4.91 17.54
CA TYR A 169 2.94 5.82 18.41
C TYR A 169 3.75 6.08 19.66
N VAL A 170 4.54 7.15 19.63
CA VAL A 170 5.37 7.55 20.76
C VAL A 170 4.55 8.25 21.84
N THR A 171 4.95 8.07 23.10
CA THR A 171 4.42 8.89 24.19
C THR A 171 5.56 9.32 25.09
N ALA A 172 5.54 10.56 25.54
CA ALA A 172 6.59 11.06 26.41
C ALA A 172 6.07 11.34 27.79
N ASP A 173 6.94 11.24 28.79
CA ASP A 173 6.56 11.49 30.17
C ASP A 173 6.14 12.95 30.35
N LYS A 174 6.81 13.83 29.63
CA LYS A 174 6.54 15.26 29.66
C LYS A 174 6.62 15.76 28.22
N PRO A 175 5.97 16.90 27.92
CA PRO A 175 6.01 17.33 26.51
C PRO A 175 7.42 17.61 26.02
N VAL A 176 7.68 17.27 24.76
CA VAL A 176 9.04 17.28 24.21
C VAL A 176 9.05 17.73 22.76
N ASP A 177 10.16 18.30 22.32
CA ASP A 177 10.37 18.57 20.91
C ASP A 177 10.69 17.26 20.22
N VAL A 178 10.35 17.10 18.94
CA VAL A 178 10.57 15.81 18.30
C VAL A 178 11.32 15.94 16.98
N TYR A 179 12.23 15.01 16.72
CA TYR A 179 12.91 14.96 15.42
C TYR A 179 12.76 13.61 14.75
N TYR A 180 12.62 13.61 13.42
CA TYR A 180 12.58 12.38 12.65
C TYR A 180 13.77 12.32 11.69
N ARG A 181 14.32 11.13 11.50
CA ARG A 181 15.42 10.96 10.57
C ARG A 181 15.20 9.76 9.70
N MET A 182 14.87 10.01 8.44
CA MET A 182 14.66 8.95 7.47
C MET A 182 15.96 8.19 7.22
N LYS A 183 15.86 6.88 7.14
CA LYS A 183 17.00 5.99 6.94
C LYS A 183 16.70 5.04 5.80
N ARG A 184 17.71 4.75 5.00
CA ARG A 184 17.54 3.84 3.87
C ARG A 184 16.40 4.30 2.99
N ALA A 185 16.25 5.61 2.87
CA ALA A 185 15.10 6.20 2.19
C ALA A 185 15.01 5.75 0.74
N GLU A 186 13.80 5.42 0.31
CA GLU A 186 13.56 5.07 -1.08
C GLU A 186 12.29 5.76 -1.52
N LEU A 187 12.43 6.79 -2.34
CA LEU A 187 11.28 7.54 -2.83
C LEU A 187 10.81 6.99 -4.16
N TYR A 188 9.50 6.87 -4.32
CA TYR A 188 8.91 6.33 -5.54
C TYR A 188 7.90 7.27 -6.15
N CYS A 189 7.89 7.34 -7.48
CA CYS A 189 6.89 8.10 -8.23
C CYS A 189 6.88 9.58 -7.87
N PRO A 190 7.67 10.38 -8.60
CA PRO A 190 7.90 11.80 -8.32
C PRO A 190 6.65 12.66 -8.41
N ARG A 191 6.62 13.68 -7.56
CA ARG A 191 5.57 14.68 -7.55
C ARG A 191 6.19 16.06 -7.47
N PRO A 192 5.45 17.09 -7.89
CA PRO A 192 6.00 18.45 -8.01
C PRO A 192 6.58 19.08 -6.76
N LEU A 193 7.71 19.76 -6.93
CA LEU A 193 8.24 20.67 -5.93
C LEU A 193 7.86 22.09 -6.29
N LEU A 194 7.59 22.90 -5.28
CA LEU A 194 7.40 24.32 -5.51
C LEU A 194 8.26 25.11 -4.55
N PRO A 195 8.84 26.21 -5.04
CA PRO A 195 9.52 27.16 -4.16
C PRO A 195 8.54 27.78 -3.18
N GLY A 196 8.95 28.02 -1.95
CA GLY A 196 8.07 28.57 -0.95
C GLY A 196 7.90 30.08 -1.02
N TYR A 197 8.91 30.76 -1.54
CA TYR A 197 8.93 32.21 -1.56
C TYR A 197 7.97 32.82 -2.58
N ASP A 198 7.40 33.97 -2.23
CA ASP A 198 6.59 34.75 -3.15
C ASP A 198 7.37 35.97 -3.62
N HIS A 199 7.26 36.29 -4.91
CA HIS A 199 8.06 37.35 -5.51
C HIS A 199 7.54 38.75 -5.23
N ALA A 200 6.29 38.85 -4.77
CA ALA A 200 5.64 40.15 -4.55
C ALA A 200 5.70 41.03 -5.80
N ASP A 201 5.92 42.33 -5.59
CA ASP A 201 5.93 43.29 -6.68
C ASP A 201 7.06 43.06 -7.68
N ARG A 202 8.20 42.58 -7.21
CA ARG A 202 9.35 42.38 -8.07
C ARG A 202 9.39 40.97 -8.64
N ASP A 203 9.60 40.85 -9.95
CA ASP A 203 9.56 39.54 -10.60
C ASP A 203 10.75 38.67 -10.17
N ARG A 204 11.86 39.29 -9.79
CA ARG A 204 12.98 38.55 -9.21
C ARG A 204 12.92 38.65 -7.69
N PHE A 205 12.99 37.50 -7.02
CA PHE A 205 12.71 37.47 -5.58
C PHE A 205 13.70 38.26 -4.71
N ASP A 206 14.97 38.26 -5.09
CA ASP A 206 16.02 39.00 -4.38
C ASP A 206 16.07 38.78 -2.87
N SER A 207 17.01 37.97 -2.40
CA SER A 207 17.13 37.69 -0.97
C SER A 207 18.56 37.91 -0.47
N PRO A 208 18.69 38.29 0.81
CA PRO A 208 19.97 38.49 1.50
C PRO A 208 20.82 37.22 1.61
N ILE A 209 22.14 37.39 1.56
CA ILE A 209 23.07 36.28 1.72
C ILE A 209 24.21 36.68 2.66
N GLY A 210 24.53 35.81 3.61
CA GLY A 210 25.57 36.09 4.59
C GLY A 210 27.00 36.12 4.07
N ARG B 1 3.20 6.88 -39.98
CA ARG B 1 3.27 6.59 -38.56
C ARG B 1 2.07 5.78 -38.09
N ILE B 2 1.62 4.85 -38.92
CA ILE B 2 0.50 4.00 -38.59
C ILE B 2 0.84 3.11 -37.40
N LEU B 3 -0.11 2.91 -36.51
CA LEU B 3 0.07 1.98 -35.40
C LEU B 3 -1.27 1.36 -35.02
N THR B 4 -1.25 0.05 -34.77
CA THR B 4 -2.48 -0.70 -34.57
C THR B 4 -2.46 -1.49 -33.27
N THR B 5 -3.23 -1.07 -32.28
CA THR B 5 -3.18 -1.73 -30.98
C THR B 5 -4.43 -2.54 -30.71
N ARG B 6 -4.28 -3.86 -30.59
CA ARG B 6 -5.42 -4.70 -30.24
C ARG B 6 -5.34 -5.23 -28.82
N HIS B 7 -6.47 -5.22 -28.14
CA HIS B 7 -6.63 -5.96 -26.90
C HIS B 7 -7.89 -6.78 -27.03
N GLY B 8 -7.81 -8.06 -26.68
CA GLY B 8 -8.94 -8.94 -26.84
C GLY B 8 -9.34 -8.97 -28.29
N THR B 9 -10.64 -8.88 -28.55
CA THR B 9 -11.13 -8.78 -29.92
C THR B 9 -11.13 -7.33 -30.42
N THR B 10 -10.98 -6.37 -29.51
CA THR B 10 -11.00 -4.97 -29.89
C THR B 10 -9.67 -4.52 -30.51
N THR B 11 -9.75 -3.57 -31.42
CA THR B 11 -8.55 -3.01 -32.04
C THR B 11 -8.66 -1.49 -32.13
N SER B 12 -7.52 -0.84 -32.35
CA SER B 12 -7.49 0.60 -32.53
C SER B 12 -6.33 1.00 -33.42
N THR B 13 -6.64 1.26 -34.69
CA THR B 13 -5.68 1.83 -35.62
C THR B 13 -5.57 3.33 -35.39
N THR B 14 -4.40 3.90 -35.64
CA THR B 14 -4.25 5.34 -35.68
C THR B 14 -3.09 5.70 -36.59
N GLN B 15 -3.27 6.74 -37.40
CA GLN B 15 -2.29 7.07 -38.40
C GLN B 15 -1.50 8.31 -38.03
N SER B 16 -1.80 8.88 -36.87
CA SER B 16 -1.11 10.06 -36.39
C SER B 16 -0.27 9.75 -35.16
N SER B 17 -0.03 8.48 -34.93
CA SER B 17 0.66 8.05 -33.71
C SER B 17 2.06 8.63 -33.61
N VAL B 18 2.44 9.01 -32.40
CA VAL B 18 3.76 9.55 -32.16
C VAL B 18 4.55 8.53 -31.35
N GLY B 19 3.88 7.44 -30.99
CA GLY B 19 4.52 6.36 -30.25
C GLY B 19 4.01 6.16 -28.84
N ILE B 20 4.12 4.93 -28.35
CA ILE B 20 3.70 4.58 -27.00
C ILE B 20 4.58 5.27 -25.97
N THR B 21 4.00 5.70 -24.86
CA THR B 21 4.81 6.24 -23.77
C THR B 21 4.68 5.38 -22.53
N TYR B 22 5.66 4.52 -22.31
CA TYR B 22 5.69 3.69 -21.13
C TYR B 22 5.95 4.54 -19.90
N GLY B 23 5.21 4.28 -18.84
CA GLY B 23 5.38 5.02 -17.61
C GLY B 23 5.94 4.15 -16.51
N TYR B 24 6.96 4.64 -15.82
CA TYR B 24 7.48 4.00 -14.62
C TYR B 24 8.09 2.60 -14.85
N ALA B 25 7.63 1.87 -15.86
CA ALA B 25 8.21 0.57 -16.16
C ALA B 25 8.04 0.17 -17.61
N ASP B 26 9.04 -0.50 -18.17
CA ASP B 26 8.99 -0.94 -19.56
C ASP B 26 7.88 -1.94 -19.80
N ALA B 27 7.54 -2.71 -18.79
CA ALA B 27 6.41 -3.62 -18.88
C ALA B 27 5.89 -3.99 -17.51
N ASP B 28 4.56 -4.04 -17.39
CA ASP B 28 3.94 -4.54 -16.17
C ASP B 28 4.28 -6.01 -16.03
N SER B 29 4.64 -6.42 -14.81
CA SER B 29 5.00 -7.81 -14.58
C SER B 29 4.59 -8.24 -13.19
N PHE B 30 3.45 -8.90 -13.11
CA PHE B 30 2.95 -9.37 -11.83
C PHE B 30 3.82 -10.47 -11.23
N ARG B 31 3.97 -10.44 -9.92
CA ARG B 31 4.55 -11.57 -9.21
C ARG B 31 3.61 -11.99 -8.10
N PRO B 32 3.53 -13.30 -7.84
CA PRO B 32 2.66 -13.79 -6.77
C PRO B 32 3.09 -13.27 -5.41
N GLY B 33 2.13 -13.01 -4.53
CA GLY B 33 2.45 -12.50 -3.22
C GLY B 33 1.83 -13.29 -2.09
N PRO B 34 2.34 -13.12 -0.87
CA PRO B 34 1.83 -13.74 0.34
C PRO B 34 0.38 -13.37 0.62
N ASN B 35 -0.01 -12.17 0.23
CA ASN B 35 -1.28 -11.61 0.70
C ASN B 35 -2.54 -12.25 0.12
N THR B 36 -2.42 -12.98 -0.98
CA THR B 36 -3.59 -13.70 -1.51
C THR B 36 -3.47 -15.21 -1.34
N SER B 37 -2.34 -15.66 -0.82
CA SER B 37 -2.11 -17.07 -0.57
C SER B 37 -2.27 -17.93 -1.83
N GLY B 38 -2.04 -17.33 -2.99
CA GLY B 38 -2.03 -18.06 -4.25
C GLY B 38 -3.38 -18.33 -4.90
N LEU B 39 -4.45 -17.79 -4.33
CA LEU B 39 -5.80 -18.05 -4.82
C LEU B 39 -6.17 -17.20 -6.03
N GLU B 40 -5.32 -16.23 -6.35
CA GLU B 40 -5.56 -15.31 -7.45
C GLU B 40 -5.52 -15.97 -8.82
N THR B 41 -6.39 -15.53 -9.72
CA THR B 41 -6.48 -16.10 -11.06
C THR B 41 -6.64 -15.02 -12.13
N ARG B 42 -5.79 -15.09 -13.15
CA ARG B 42 -5.83 -14.12 -14.25
C ARG B 42 -7.06 -14.33 -15.12
N VAL B 43 -7.64 -13.24 -15.61
CA VAL B 43 -8.80 -13.35 -16.47
C VAL B 43 -8.56 -12.66 -17.82
N GLU B 44 -8.63 -13.46 -18.87
CA GLU B 44 -8.33 -13.00 -20.22
C GLU B 44 -9.32 -11.95 -20.73
N GLN B 45 -10.60 -12.17 -20.43
CA GLN B 45 -11.67 -11.40 -21.05
C GLN B 45 -11.75 -9.93 -20.63
N ALA B 46 -11.21 -9.61 -19.46
CA ALA B 46 -11.26 -8.24 -18.97
C ALA B 46 -10.46 -7.29 -19.84
N GLU B 47 -9.44 -7.81 -20.51
CA GLU B 47 -8.50 -6.97 -21.23
C GLU B 47 -9.02 -6.55 -22.60
N ARG B 48 -9.89 -5.55 -22.61
CA ARG B 48 -10.47 -5.04 -23.84
C ARG B 48 -10.65 -3.54 -23.78
N PHE B 49 -10.60 -2.89 -24.94
CA PHE B 49 -10.88 -1.47 -25.03
C PHE B 49 -12.31 -1.11 -24.64
N PHE B 50 -12.45 0.01 -23.95
CA PHE B 50 -13.74 0.64 -23.76
C PHE B 50 -13.46 2.12 -23.84
N LYS B 51 -14.40 2.90 -24.35
CA LYS B 51 -14.11 4.30 -24.60
C LYS B 51 -15.15 5.24 -24.01
N GLU B 52 -14.71 6.45 -23.69
CA GLU B 52 -15.61 7.45 -23.14
C GLU B 52 -15.20 8.86 -23.55
N LYS B 53 -16.20 9.68 -23.88
CA LYS B 53 -15.95 11.08 -24.20
C LYS B 53 -15.47 11.81 -22.97
N LEU B 54 -14.51 12.72 -23.16
CA LEU B 54 -14.04 13.54 -22.06
C LEU B 54 -14.67 14.92 -22.12
N PHE B 55 -14.39 15.66 -23.18
CA PHE B 55 -14.95 17.00 -23.31
C PHE B 55 -14.90 17.52 -24.73
N ASP B 56 -15.85 18.37 -25.08
CA ASP B 56 -15.71 19.21 -26.25
C ASP B 56 -14.61 20.20 -25.94
N TRP B 57 -13.74 20.47 -26.90
CA TRP B 57 -12.67 21.42 -26.66
C TRP B 57 -12.74 22.59 -27.61
N THR B 58 -13.25 23.69 -27.07
CA THR B 58 -13.44 24.94 -27.79
C THR B 58 -12.31 25.90 -27.52
N SER B 59 -12.25 26.99 -28.29
CA SER B 59 -11.25 28.02 -28.08
C SER B 59 -11.55 28.82 -26.83
N ASP B 60 -12.77 28.70 -26.33
CA ASP B 60 -13.20 29.43 -25.14
C ASP B 60 -12.42 29.01 -23.90
N LYS B 61 -11.93 27.78 -23.89
CA LYS B 61 -11.27 27.24 -22.70
C LYS B 61 -9.78 27.60 -22.69
N PRO B 62 -9.35 28.30 -21.63
CA PRO B 62 -8.00 28.84 -21.47
C PRO B 62 -6.99 27.82 -20.96
N PHE B 63 -5.79 28.31 -20.66
CA PHE B 63 -4.73 27.48 -20.11
C PHE B 63 -5.11 26.87 -18.77
N GLY B 64 -4.68 25.64 -18.55
CA GLY B 64 -4.78 25.02 -17.25
C GLY B 64 -6.12 24.41 -16.92
N THR B 65 -7.06 24.47 -17.87
CA THR B 65 -8.33 23.79 -17.68
C THR B 65 -8.06 22.30 -17.59
N LEU B 66 -8.66 21.64 -16.61
CA LEU B 66 -8.36 20.24 -16.36
C LEU B 66 -9.55 19.35 -16.64
N TYR B 67 -9.27 18.13 -17.06
CA TYR B 67 -10.28 17.09 -17.07
C TYR B 67 -9.70 15.78 -16.59
N VAL B 68 -9.87 15.53 -15.30
CA VAL B 68 -9.48 14.28 -14.69
C VAL B 68 -10.48 13.20 -15.01
N LEU B 69 -10.01 11.96 -15.05
CA LEU B 69 -10.87 10.81 -15.23
C LEU B 69 -10.40 9.72 -14.28
N GLU B 70 -11.13 9.49 -13.21
CA GLU B 70 -10.72 8.51 -12.22
C GLU B 70 -10.73 7.11 -12.82
N LEU B 71 -9.72 6.31 -12.50
CA LEU B 71 -9.68 4.93 -12.96
C LEU B 71 -9.42 3.96 -11.81
N PRO B 72 -10.03 2.76 -11.86
CA PRO B 72 -11.08 2.32 -12.80
C PRO B 72 -12.37 3.10 -12.68
N LYS B 73 -13.04 3.31 -13.81
CA LYS B 73 -14.35 3.94 -13.79
C LYS B 73 -15.43 2.86 -13.88
N ASP B 74 -16.63 3.18 -13.42
CA ASP B 74 -17.75 2.24 -13.51
C ASP B 74 -18.02 1.93 -14.97
N HIS B 75 -18.29 0.66 -15.26
CA HIS B 75 -18.42 0.22 -16.64
C HIS B 75 -19.31 -1.01 -16.72
N LYS B 76 -20.00 -1.17 -17.86
CA LYS B 76 -20.97 -2.25 -18.01
C LYS B 76 -20.34 -3.57 -18.43
N GLY B 77 -19.05 -3.56 -18.74
CA GLY B 77 -18.40 -4.72 -19.32
C GLY B 77 -18.05 -5.77 -18.29
N ILE B 78 -17.30 -6.78 -18.71
CA ILE B 78 -16.89 -7.86 -17.81
C ILE B 78 -16.06 -7.27 -16.69
N TYR B 79 -15.28 -6.26 -17.01
CA TYR B 79 -14.41 -5.62 -16.04
C TYR B 79 -15.27 -4.96 -14.96
N GLY B 80 -16.46 -4.51 -15.34
CA GLY B 80 -17.36 -3.91 -14.39
C GLY B 80 -18.12 -4.94 -13.60
N TYR B 81 -18.06 -6.19 -14.05
CA TYR B 81 -18.65 -7.29 -13.29
C TYR B 81 -17.68 -7.79 -12.24
N LEU B 82 -16.40 -7.80 -12.59
CA LEU B 82 -15.38 -8.32 -11.69
C LEU B 82 -15.23 -7.48 -10.43
N THR B 83 -15.55 -6.20 -10.51
CA THR B 83 -15.53 -5.36 -9.32
C THR B 83 -16.65 -5.78 -8.37
N ASP B 84 -17.69 -6.40 -8.92
CA ASP B 84 -18.82 -6.86 -8.11
C ASP B 84 -18.67 -8.28 -7.63
N ALA B 85 -18.04 -9.14 -8.42
CA ALA B 85 -17.90 -10.53 -8.04
C ALA B 85 -16.69 -10.75 -7.15
N TYR B 86 -15.57 -10.16 -7.55
CA TYR B 86 -14.33 -10.33 -6.81
C TYR B 86 -13.96 -9.09 -6.03
N THR B 87 -13.50 -9.26 -4.80
CA THR B 87 -13.07 -8.13 -4.01
C THR B 87 -11.74 -7.60 -4.53
N TYR B 88 -10.65 -8.23 -4.10
CA TYR B 88 -9.34 -7.71 -4.40
C TYR B 88 -9.02 -7.88 -5.88
N MET B 89 -8.36 -6.89 -6.47
CA MET B 89 -8.14 -6.91 -7.92
C MET B 89 -6.94 -6.07 -8.33
N ARG B 90 -6.32 -6.43 -9.43
CA ARG B 90 -5.09 -5.79 -9.89
C ARG B 90 -5.09 -5.61 -11.40
N ASN B 91 -4.62 -4.46 -11.88
CA ASN B 91 -4.53 -4.21 -13.31
C ASN B 91 -3.59 -3.07 -13.67
N GLY B 92 -3.05 -3.10 -14.88
CA GLY B 92 -2.17 -2.05 -15.35
C GLY B 92 -2.70 -1.43 -16.63
N TRP B 93 -2.96 -0.13 -16.60
CA TRP B 93 -3.73 0.52 -17.65
C TRP B 93 -2.96 0.78 -18.94
N ASP B 94 -3.70 0.82 -20.04
CA ASP B 94 -3.16 1.14 -21.35
C ASP B 94 -4.12 2.09 -22.05
N VAL B 95 -3.73 3.35 -22.19
CA VAL B 95 -4.67 4.39 -22.57
C VAL B 95 -4.32 5.18 -23.83
N GLN B 96 -5.31 5.33 -24.70
CA GLN B 96 -5.19 6.27 -25.81
C GLN B 96 -6.05 7.49 -25.55
N VAL B 97 -5.69 8.62 -26.15
CA VAL B 97 -6.56 9.79 -26.16
C VAL B 97 -6.55 10.34 -27.57
N SER B 98 -7.70 10.77 -28.06
CA SER B 98 -7.79 11.24 -29.43
C SER B 98 -8.63 12.51 -29.52
N ALA B 99 -8.05 13.52 -30.14
CA ALA B 99 -8.72 14.79 -30.33
C ALA B 99 -8.68 15.16 -31.79
N THR B 100 -9.50 14.49 -32.59
CA THR B 100 -9.47 14.69 -34.03
C THR B 100 -9.85 16.10 -34.40
N SER B 101 -9.07 16.71 -35.27
CA SER B 101 -9.27 18.10 -35.67
C SER B 101 -8.52 18.38 -36.95
N THR B 102 -8.94 19.40 -37.67
CA THR B 102 -8.23 19.84 -38.84
C THR B 102 -6.85 20.27 -38.38
N GLN B 103 -5.83 20.04 -39.18
CA GLN B 103 -4.48 20.41 -38.77
C GLN B 103 -4.29 21.91 -38.87
N PHE B 104 -5.28 22.60 -39.44
CA PHE B 104 -5.27 24.05 -39.48
C PHE B 104 -5.64 24.65 -38.14
N ASN B 105 -6.16 23.83 -37.23
CA ASN B 105 -6.39 24.27 -35.86
C ASN B 105 -5.06 24.45 -35.15
N GLY B 106 -5.04 25.32 -34.16
CA GLY B 106 -3.83 25.54 -33.38
C GLY B 106 -4.09 25.53 -31.89
N GLY B 107 -3.30 24.77 -31.17
CA GLY B 107 -3.46 24.63 -29.74
C GLY B 107 -2.72 23.39 -29.31
N SER B 108 -2.85 23.00 -28.04
CA SER B 108 -2.20 21.79 -27.58
C SER B 108 -2.80 21.25 -26.30
N LEU B 109 -2.88 19.94 -26.21
CA LEU B 109 -3.27 19.29 -24.96
C LEU B 109 -2.08 18.63 -24.30
N LEU B 110 -2.06 18.63 -22.98
CA LEU B 110 -1.11 17.84 -22.24
C LEU B 110 -1.90 16.73 -21.58
N VAL B 111 -1.90 15.55 -22.18
CA VAL B 111 -2.55 14.43 -21.54
C VAL B 111 -1.52 13.71 -20.71
N ALA B 112 -1.89 13.34 -19.49
CA ALA B 112 -0.94 12.75 -18.56
C ALA B 112 -1.66 11.88 -17.55
N MET B 113 -0.95 10.90 -17.01
CA MET B 113 -1.53 10.07 -15.96
C MET B 113 -0.96 10.37 -14.60
N VAL B 114 -1.83 10.80 -13.68
CA VAL B 114 -1.38 11.08 -12.34
C VAL B 114 -1.72 9.91 -11.44
N PRO B 115 -0.71 9.27 -10.85
CA PRO B 115 -1.01 8.33 -9.78
C PRO B 115 -1.66 9.05 -8.62
N GLU B 116 -2.63 8.41 -7.97
CA GLU B 116 -3.23 8.87 -6.71
C GLU B 116 -3.21 10.38 -6.45
N LEU B 117 -3.99 11.15 -7.19
CA LEU B 117 -4.16 12.55 -6.83
C LEU B 117 -5.42 12.75 -6.01
N CYS B 118 -5.31 13.52 -4.93
CA CYS B 118 -6.48 13.93 -4.17
C CYS B 118 -6.96 15.28 -4.67
N SER B 119 -6.00 16.14 -4.99
CA SER B 119 -6.26 17.50 -5.44
C SER B 119 -5.05 18.01 -6.18
N LEU B 120 -5.25 19.03 -7.00
CA LEU B 120 -4.14 19.58 -7.77
C LEU B 120 -4.12 21.10 -7.63
N LYS B 121 -3.17 21.60 -6.85
CA LYS B 121 -3.12 23.02 -6.51
C LYS B 121 -2.85 23.89 -7.72
N ASP B 122 -3.31 25.14 -7.68
CA ASP B 122 -3.29 26.00 -8.87
C ASP B 122 -1.89 26.30 -9.38
N ARG B 123 -0.93 26.41 -8.46
CA ARG B 123 0.46 26.59 -8.82
C ARG B 123 1.06 25.36 -9.47
N GLU B 124 0.51 24.22 -9.09
CA GLU B 124 1.13 22.91 -9.31
C GLU B 124 1.11 22.44 -10.76
N GLU B 125 0.22 23.02 -11.55
CA GLU B 125 -0.07 22.52 -12.90
C GLU B 125 1.15 22.52 -13.81
N PHE B 126 2.03 23.50 -13.64
CA PHE B 126 3.19 23.63 -14.50
C PHE B 126 4.11 22.44 -14.36
N GLN B 127 4.05 21.78 -13.23
CA GLN B 127 4.94 20.66 -12.95
C GLN B 127 4.39 19.35 -13.51
N LEU B 128 3.21 19.41 -14.12
CA LEU B 128 2.42 18.21 -14.41
C LEU B 128 3.16 17.26 -15.37
N SER B 129 4.19 17.76 -16.01
CA SER B 129 4.95 16.97 -16.97
C SER B 129 5.82 15.91 -16.29
N LEU B 130 5.96 15.97 -14.97
CA LEU B 130 6.73 14.95 -14.25
C LEU B 130 6.11 13.56 -14.40
N TYR B 131 4.80 13.55 -14.54
CA TYR B 131 4.01 12.34 -14.69
C TYR B 131 4.14 11.81 -16.12
N PRO B 132 3.83 10.53 -16.35
CA PRO B 132 3.87 10.07 -17.74
C PRO B 132 2.88 10.88 -18.58
N HIS B 133 3.26 11.23 -19.81
CA HIS B 133 2.46 12.19 -20.56
C HIS B 133 2.79 12.20 -22.03
N GLN B 134 1.87 12.76 -22.81
CA GLN B 134 2.16 13.15 -24.19
C GLN B 134 1.37 14.39 -24.56
N PHE B 135 1.83 15.07 -25.60
CA PHE B 135 1.19 16.28 -26.07
C PHE B 135 0.33 15.98 -27.29
N ILE B 136 -0.80 16.68 -27.40
CA ILE B 136 -1.62 16.58 -28.59
C ILE B 136 -1.59 17.92 -29.30
N ASN B 137 -0.75 18.00 -30.33
CA ASN B 137 -0.71 19.15 -31.23
C ASN B 137 -1.45 18.82 -32.50
N PRO B 138 -2.52 19.57 -32.80
CA PRO B 138 -3.29 19.33 -34.03
C PRO B 138 -2.41 19.42 -35.27
N ARG B 139 -1.38 20.25 -35.26
CA ARG B 139 -0.49 20.32 -36.40
C ARG B 139 0.29 19.02 -36.60
N THR B 140 0.39 18.21 -35.56
CA THR B 140 1.08 16.93 -35.67
C THR B 140 0.12 15.78 -35.28
N ASN B 141 0.32 15.17 -34.11
CA ASN B 141 -0.51 14.03 -33.73
C ASN B 141 -1.90 14.42 -33.27
N THR B 142 -2.85 13.51 -33.42
CA THR B 142 -4.15 13.67 -32.80
C THR B 142 -4.36 12.54 -31.80
N THR B 143 -3.31 11.74 -31.57
CA THR B 143 -3.44 10.58 -30.70
C THR B 143 -2.29 10.44 -29.72
N ALA B 144 -2.62 10.31 -28.45
CA ALA B 144 -1.64 9.99 -27.42
C ALA B 144 -1.84 8.55 -26.95
N HIS B 145 -0.76 7.89 -26.54
CA HIS B 145 -0.85 6.49 -26.17
C HIS B 145 0.02 6.14 -24.95
N ILE B 146 -0.43 6.55 -23.77
CA ILE B 146 0.30 6.27 -22.55
C ILE B 146 0.08 4.83 -22.11
N GLN B 147 1.06 4.22 -21.46
CA GLN B 147 0.89 2.86 -20.94
C GLN B 147 1.56 2.67 -19.58
N VAL B 148 0.79 2.29 -18.57
CA VAL B 148 1.34 2.18 -17.22
C VAL B 148 1.02 0.87 -16.51
N PRO B 149 1.96 0.40 -15.68
CA PRO B 149 1.85 -0.71 -14.73
C PRO B 149 0.98 -0.37 -13.54
N TYR B 150 0.46 -1.39 -12.87
CA TYR B 150 -0.23 -1.17 -11.61
C TYR B 150 0.67 -0.56 -10.54
N LEU B 151 0.16 0.44 -9.85
CA LEU B 151 0.89 1.10 -8.77
C LEU B 151 0.03 1.19 -7.53
N GLY B 152 0.64 1.03 -6.37
CA GLY B 152 -0.10 1.16 -5.13
C GLY B 152 0.60 0.60 -3.92
N VAL B 153 0.15 1.01 -2.75
CA VAL B 153 0.71 0.53 -1.49
C VAL B 153 0.40 -0.95 -1.31
N ASN B 154 -0.68 -1.40 -1.92
CA ASN B 154 -1.11 -2.79 -1.81
C ASN B 154 -1.03 -3.49 -3.15
N ARG B 155 -0.63 -4.75 -3.15
CA ARG B 155 -0.46 -5.48 -4.41
C ARG B 155 -1.79 -5.72 -5.09
N HIS B 156 -2.86 -5.69 -4.32
CA HIS B 156 -4.20 -5.83 -4.87
C HIS B 156 -5.10 -4.73 -4.37
N ASP B 157 -5.38 -3.77 -5.24
CA ASP B 157 -6.23 -2.65 -4.87
C ASP B 157 -7.60 -3.19 -4.54
N GLN B 158 -8.20 -2.64 -3.49
CA GLN B 158 -9.54 -3.01 -3.09
C GLN B 158 -10.50 -2.69 -4.22
N GLY B 159 -11.48 -3.57 -4.44
CA GLY B 159 -12.45 -3.36 -5.51
C GLY B 159 -13.22 -2.08 -5.29
N LYS B 160 -13.34 -1.28 -6.35
CA LYS B 160 -13.88 0.07 -6.25
C LYS B 160 -13.04 0.85 -5.26
N ARG B 161 -13.68 1.64 -4.40
CA ARG B 161 -12.99 2.39 -3.35
C ARG B 161 -11.81 3.20 -3.89
N HIS B 162 -10.61 2.73 -3.57
CA HIS B 162 -9.38 3.43 -3.95
C HIS B 162 -9.16 3.41 -5.46
N GLN B 163 -8.74 4.54 -6.01
CA GLN B 163 -8.36 4.64 -7.41
C GLN B 163 -6.90 5.04 -7.55
N ALA B 164 -6.07 4.13 -8.06
CA ALA B 164 -4.65 4.38 -8.17
C ALA B 164 -4.32 5.40 -9.25
N TRP B 165 -4.88 5.25 -10.44
CA TRP B 165 -4.57 6.14 -11.56
C TRP B 165 -5.71 7.09 -11.88
N SER B 166 -5.35 8.28 -12.32
CA SER B 166 -6.33 9.22 -12.84
C SER B 166 -5.81 9.87 -14.10
N LEU B 167 -6.62 9.84 -15.15
CA LEU B 167 -6.23 10.36 -16.45
C LEU B 167 -6.56 11.84 -16.59
N VAL B 168 -5.57 12.70 -16.42
CA VAL B 168 -5.81 14.14 -16.50
C VAL B 168 -5.46 14.67 -17.88
N VAL B 169 -6.34 15.50 -18.43
CA VAL B 169 -6.05 16.18 -19.68
C VAL B 169 -6.12 17.68 -19.48
N MET B 170 -4.99 18.36 -19.70
CA MET B 170 -4.93 19.79 -19.48
C MET B 170 -4.84 20.53 -20.81
N VAL B 171 -5.46 21.70 -20.90
CA VAL B 171 -5.38 22.50 -22.12
C VAL B 171 -4.12 23.35 -22.08
N LEU B 172 -3.03 22.81 -22.61
CA LEU B 172 -1.73 23.45 -22.49
C LEU B 172 -1.66 24.78 -23.21
N THR B 173 -2.35 24.87 -24.35
CA THR B 173 -2.53 26.14 -25.05
C THR B 173 -3.96 26.23 -25.59
N PRO B 174 -4.53 27.44 -25.62
CA PRO B 174 -5.89 27.62 -26.13
C PRO B 174 -6.02 27.26 -27.61
N LEU B 175 -7.16 26.70 -27.99
CA LEU B 175 -7.43 26.36 -29.37
C LEU B 175 -7.52 27.61 -30.23
N THR B 176 -6.96 27.55 -31.43
CA THR B 176 -7.06 28.67 -32.37
C THR B 176 -7.51 28.17 -33.73
N THR B 177 -8.44 28.90 -34.34
CA THR B 177 -9.00 28.50 -35.62
C THR B 177 -8.95 29.65 -36.61
N GLU B 178 -7.75 30.05 -36.99
CA GLU B 178 -7.55 31.24 -37.83
C GLU B 178 -8.19 31.06 -39.20
N ALA B 179 -8.31 29.81 -39.64
CA ALA B 179 -8.97 29.51 -40.90
C ALA B 179 -10.46 29.84 -40.81
N GLN B 180 -10.98 29.86 -39.59
CA GLN B 180 -12.38 30.15 -39.31
C GLN B 180 -13.33 29.18 -40.02
N MET B 181 -12.81 27.99 -40.30
CA MET B 181 -13.58 26.96 -40.99
C MET B 181 -14.75 26.43 -40.16
N GLN B 182 -14.58 26.48 -38.83
CA GLN B 182 -15.48 25.86 -37.84
C GLN B 182 -16.01 24.49 -38.32
N SER B 183 -15.41 23.36 -37.90
CA SER B 183 -14.45 23.20 -36.79
C SER B 183 -15.01 23.74 -35.48
N GLY B 184 -14.22 24.55 -34.77
CA GLY B 184 -14.65 25.08 -33.50
C GLY B 184 -14.47 24.08 -32.38
N THR B 185 -15.53 23.35 -32.05
CA THR B 185 -15.43 22.30 -31.04
C THR B 185 -14.54 21.18 -31.54
N VAL B 186 -13.74 20.63 -30.64
CA VAL B 186 -12.93 19.46 -30.97
C VAL B 186 -13.13 18.42 -29.87
N GLU B 187 -13.94 17.41 -30.16
CA GLU B 187 -14.27 16.39 -29.18
C GLU B 187 -13.04 15.60 -28.79
N VAL B 188 -12.88 15.29 -27.51
CA VAL B 188 -11.71 14.53 -27.06
C VAL B 188 -12.13 13.23 -26.41
N TYR B 189 -11.92 12.11 -27.11
CA TYR B 189 -12.23 10.81 -26.56
C TYR B 189 -11.03 10.12 -25.95
N ALA B 190 -11.29 9.13 -25.10
CA ALA B 190 -10.24 8.27 -24.58
C ALA B 190 -10.58 6.84 -24.91
N ASN B 191 -9.55 6.04 -25.14
CA ASN B 191 -9.75 4.65 -25.53
C ASN B 191 -8.88 3.79 -24.61
N ILE B 192 -9.49 3.27 -23.56
CA ILE B 192 -8.77 2.71 -22.43
C ILE B 192 -8.93 1.20 -22.29
N ALA B 193 -7.85 0.47 -22.02
CA ALA B 193 -8.00 -0.94 -21.67
C ALA B 193 -7.08 -1.38 -20.54
N PRO B 194 -7.58 -2.24 -19.64
CA PRO B 194 -6.82 -2.95 -18.61
C PRO B 194 -5.84 -3.93 -19.20
N THR B 195 -4.71 -4.14 -18.54
CA THR B 195 -3.79 -5.20 -18.93
C THR B 195 -3.31 -5.98 -17.71
N ASN B 196 -3.11 -7.28 -17.89
CA ASN B 196 -2.65 -8.16 -16.82
C ASN B 196 -3.53 -8.16 -15.59
N VAL B 197 -4.85 -8.22 -15.78
CA VAL B 197 -5.76 -8.23 -14.66
C VAL B 197 -5.65 -9.52 -13.85
N PHE B 198 -5.82 -9.38 -12.54
CA PHE B 198 -5.85 -10.50 -11.61
C PHE B 198 -6.90 -10.24 -10.56
N VAL B 199 -7.60 -11.28 -10.13
CA VAL B 199 -8.67 -11.10 -9.16
C VAL B 199 -8.56 -12.11 -8.03
N ALA B 200 -9.05 -11.75 -6.86
CA ALA B 200 -9.01 -12.65 -5.72
C ALA B 200 -10.11 -12.32 -4.72
N GLY B 201 -10.62 -13.37 -4.08
CA GLY B 201 -11.62 -13.24 -3.05
C GLY B 201 -13.01 -12.97 -3.56
N GLU B 202 -13.60 -13.98 -4.22
CA GLU B 202 -14.96 -13.83 -4.72
C GLU B 202 -15.96 -13.72 -3.58
N LYS B 203 -16.97 -12.90 -3.78
CA LYS B 203 -17.93 -12.56 -2.74
C LYS B 203 -19.35 -12.81 -3.25
N PRO B 204 -20.31 -13.01 -2.34
CA PRO B 204 -21.63 -13.51 -2.78
C PRO B 204 -22.33 -12.59 -3.76
N ALA B 205 -23.03 -13.19 -4.71
CA ALA B 205 -23.68 -12.46 -5.78
C ALA B 205 -24.80 -11.57 -5.26
N LYS B 206 -24.91 -10.38 -5.84
CA LYS B 206 -26.05 -9.51 -5.60
C LYS B 206 -27.29 -10.19 -6.16
N GLN B 207 -28.44 -10.02 -5.51
CA GLN B 207 -28.61 -9.11 -4.37
C GLN B 207 -28.18 -9.74 -3.05
N GLY C 1 48.14 10.47 26.49
CA GLY C 1 48.20 9.03 26.40
C GLY C 1 46.84 8.38 26.58
N ILE C 2 45.97 9.04 27.34
CA ILE C 2 44.64 8.54 27.59
C ILE C 2 43.89 8.51 26.27
N ILE C 3 43.08 7.48 26.04
CA ILE C 3 42.30 7.37 24.81
C ILE C 3 41.19 8.41 24.82
N PRO C 4 41.15 9.27 23.79
CA PRO C 4 40.03 10.20 23.65
C PRO C 4 38.73 9.46 23.38
N VAL C 5 37.62 9.99 23.88
CA VAL C 5 36.31 9.39 23.65
C VAL C 5 35.29 10.48 23.88
N ALA C 6 34.13 10.39 23.24
CA ALA C 6 33.12 11.42 23.38
C ALA C 6 31.77 10.83 23.75
N CYS C 7 31.39 10.96 25.01
CA CYS C 7 30.09 10.50 25.46
C CYS C 7 29.01 11.29 24.75
N PHE C 8 27.97 10.62 24.27
CA PHE C 8 26.91 11.30 23.55
C PHE C 8 25.61 11.40 24.33
N ASP C 9 24.87 12.47 24.05
CA ASP C 9 23.53 12.65 24.57
C ASP C 9 22.56 11.75 23.82
N GLY C 10 21.54 11.27 24.52
CA GLY C 10 20.52 10.45 23.91
C GLY C 10 20.89 8.98 23.84
N TYR C 11 22.08 8.65 24.31
CA TYR C 11 22.50 7.27 24.40
C TYR C 11 22.72 6.86 25.84
N GLY C 12 22.59 5.57 26.10
CA GLY C 12 22.89 5.05 27.42
C GLY C 12 21.81 5.21 28.46
N GLY C 13 20.62 5.60 28.02
CA GLY C 13 19.48 5.60 28.92
C GLY C 13 19.06 4.17 29.17
N PHE C 14 18.35 3.92 30.25
CA PHE C 14 17.84 2.59 30.52
C PHE C 14 16.84 2.22 29.42
N GLN C 15 16.94 0.99 28.93
CA GLN C 15 16.06 0.50 27.87
C GLN C 15 15.61 -0.90 28.24
N ASN C 16 14.31 -1.15 28.22
CA ASN C 16 13.84 -2.46 28.64
C ASN C 16 13.92 -3.51 27.54
N THR C 17 14.23 -3.09 26.31
CA THR C 17 14.33 -4.04 25.20
C THR C 17 15.72 -4.09 24.58
N ASP C 18 16.70 -3.46 25.20
CA ASP C 18 18.05 -3.39 24.63
C ASP C 18 18.75 -4.75 24.59
N PRO C 19 19.48 -5.01 23.50
CA PRO C 19 20.27 -6.22 23.31
C PRO C 19 21.36 -6.48 24.36
N LYS C 20 21.96 -5.42 24.89
CA LYS C 20 23.11 -5.55 25.76
C LYS C 20 22.78 -6.20 27.11
N THR C 21 23.72 -6.98 27.64
CA THR C 21 23.52 -7.72 28.88
C THR C 21 24.13 -7.05 30.11
N ALA C 22 23.56 -7.35 31.27
CA ALA C 22 23.95 -6.75 32.54
C ALA C 22 25.26 -7.33 33.11
N ASP C 23 25.93 -6.53 33.94
CA ASP C 23 27.16 -6.97 34.62
C ASP C 23 26.89 -8.00 35.72
N PRO C 24 27.67 -9.09 35.74
CA PRO C 24 27.60 -10.26 36.62
C PRO C 24 27.86 -10.01 38.11
N ILE C 25 27.23 -10.80 38.97
CA ILE C 25 27.55 -10.81 40.39
C ILE C 25 28.28 -12.10 40.74
N TYR C 26 27.54 -13.19 40.96
CA TYR C 26 28.15 -14.51 41.16
C TYR C 26 28.78 -15.10 39.93
N GLY C 27 29.78 -15.95 40.14
CA GLY C 27 30.38 -16.70 39.06
C GLY C 27 30.43 -18.19 39.32
N TYR C 28 30.64 -18.96 38.26
CA TYR C 28 30.83 -20.40 38.34
C TYR C 28 29.70 -21.18 38.99
N VAL C 29 28.46 -20.71 38.84
CA VAL C 29 27.33 -21.54 39.23
C VAL C 29 27.18 -22.65 38.20
N TYR C 30 26.78 -23.83 38.65
CA TYR C 30 26.49 -24.93 37.72
C TYR C 30 25.08 -25.43 37.94
N ASN C 31 24.20 -25.15 36.98
CA ASN C 31 22.81 -25.52 37.08
C ASN C 31 22.66 -27.03 37.05
N PRO C 32 21.66 -27.56 37.77
CA PRO C 32 21.41 -29.00 37.72
C PRO C 32 21.03 -29.42 36.31
N SER C 33 21.44 -30.61 35.90
CA SER C 33 21.21 -31.05 34.53
C SER C 33 19.72 -31.18 34.27
N ARG C 34 19.29 -30.71 33.12
CA ARG C 34 17.87 -30.75 32.76
C ARG C 34 17.62 -31.83 31.74
N ASN C 35 18.56 -32.76 31.62
CA ASN C 35 18.40 -33.88 30.70
C ASN C 35 17.17 -34.69 31.09
N ASP C 36 16.46 -35.17 30.08
CA ASP C 36 15.21 -35.90 30.28
C ASP C 36 14.17 -35.08 31.03
N CYS C 37 14.13 -33.78 30.78
CA CYS C 37 13.00 -32.95 31.19
C CYS C 37 12.12 -32.72 29.97
N HIS C 38 11.06 -33.49 29.88
CA HIS C 38 10.25 -33.58 28.67
C HIS C 38 9.35 -32.37 28.44
N GLY C 39 8.97 -32.17 27.17
CA GLY C 39 7.92 -31.24 26.83
C GLY C 39 8.29 -29.81 26.48
N ARG C 40 9.58 -29.54 26.28
CA ARG C 40 10.01 -28.19 25.96
C ARG C 40 9.43 -27.73 24.63
N TYR C 41 9.03 -26.47 24.55
CA TYR C 41 8.58 -25.92 23.27
C TYR C 41 9.33 -24.63 22.97
N SER C 42 10.04 -24.62 21.84
CA SER C 42 10.91 -23.51 21.52
C SER C 42 10.20 -22.36 20.83
N ASN C 43 8.94 -22.56 20.43
CA ASN C 43 8.21 -21.53 19.72
C ASN C 43 6.71 -21.66 19.94
N LEU C 44 6.05 -20.56 20.24
CA LEU C 44 4.63 -20.58 20.60
C LEU C 44 3.71 -20.99 19.46
N LEU C 45 4.09 -20.72 18.23
CA LEU C 45 3.25 -21.12 17.12
C LEU C 45 3.24 -22.62 16.92
N ASP C 46 4.27 -23.31 17.41
CA ASP C 46 4.27 -24.76 17.34
C ASP C 46 3.15 -25.34 18.20
N VAL C 47 3.04 -24.87 19.44
CA VAL C 47 1.97 -25.34 20.30
C VAL C 47 0.65 -24.81 19.77
N ALA C 48 0.69 -23.69 19.05
CA ALA C 48 -0.53 -23.17 18.43
C ALA C 48 -1.01 -24.05 17.29
N GLU C 49 -0.09 -24.74 16.62
CA GLU C 49 -0.46 -25.59 15.49
C GLU C 49 -0.85 -26.99 15.94
N ALA C 50 -0.10 -27.53 16.89
CA ALA C 50 -0.30 -28.92 17.27
C ALA C 50 -1.43 -29.10 18.28
N CYS C 51 -1.96 -28.01 18.81
CA CYS C 51 -2.92 -28.09 19.89
C CYS C 51 -4.14 -27.21 19.68
N PRO C 52 -5.10 -27.67 18.88
CA PRO C 52 -6.32 -26.91 18.61
C PRO C 52 -7.15 -26.68 19.87
N THR C 53 -7.81 -25.52 19.95
CA THR C 53 -8.62 -25.18 21.10
C THR C 53 -10.02 -24.78 20.68
N PHE C 54 -10.99 -24.99 21.56
CA PHE C 54 -12.40 -24.89 21.21
C PHE C 54 -12.90 -23.46 21.12
N LEU C 55 -13.88 -23.25 20.24
CA LEU C 55 -14.50 -21.95 20.04
C LEU C 55 -15.61 -21.68 21.05
N ASN C 56 -15.92 -20.41 21.28
CA ASN C 56 -16.95 -20.02 22.23
C ASN C 56 -18.29 -19.70 21.60
N PHE C 57 -19.08 -20.72 21.31
CA PHE C 57 -20.42 -20.54 20.79
C PHE C 57 -21.44 -20.40 21.90
N ASP C 58 -21.58 -19.18 22.43
CA ASP C 58 -22.47 -18.88 23.55
C ASP C 58 -22.18 -19.75 24.76
N GLY C 59 -20.91 -19.93 25.06
CA GLY C 59 -20.47 -20.66 26.23
C GLY C 59 -20.33 -22.15 26.06
N LYS C 60 -20.65 -22.64 24.86
CA LYS C 60 -20.56 -24.06 24.58
C LYS C 60 -19.90 -24.29 23.23
N PRO C 61 -18.79 -25.03 23.19
CA PRO C 61 -18.01 -25.21 21.96
C PRO C 61 -18.78 -25.82 20.79
N TYR C 62 -19.72 -26.72 21.06
CA TYR C 62 -20.48 -27.38 20.01
C TYR C 62 -21.60 -26.54 19.44
N VAL C 63 -21.95 -26.78 18.18
CA VAL C 63 -23.17 -26.22 17.62
C VAL C 63 -24.24 -27.30 17.51
N VAL C 64 -25.44 -27.01 17.98
CA VAL C 64 -26.52 -27.97 17.89
C VAL C 64 -27.15 -27.92 16.51
N THR C 65 -27.40 -29.09 15.93
CA THR C 65 -28.16 -29.20 14.69
C THR C 65 -29.64 -28.93 14.97
N LYS C 66 -30.34 -28.26 14.05
CA LYS C 66 -31.69 -27.79 14.35
C LYS C 66 -32.69 -28.04 13.21
N ASN C 67 -33.96 -28.22 13.59
CA ASN C 67 -35.03 -28.52 12.62
C ASN C 67 -35.57 -27.32 11.85
N ASN C 68 -35.76 -26.20 12.54
CA ASN C 68 -36.29 -25.01 11.90
C ASN C 68 -35.28 -24.49 10.88
N GLY C 69 -35.77 -23.79 9.86
CA GLY C 69 -34.96 -23.33 8.74
C GLY C 69 -33.62 -22.73 9.10
N ASP C 70 -33.54 -21.40 9.16
CA ASP C 70 -32.34 -20.71 9.60
C ASP C 70 -31.09 -21.17 8.85
N LYS C 71 -30.65 -22.39 9.15
CA LYS C 71 -29.57 -23.10 8.46
C LYS C 71 -28.18 -22.52 8.74
N VAL C 72 -28.13 -21.28 9.20
CA VAL C 72 -26.86 -20.67 9.54
C VAL C 72 -26.52 -21.04 10.97
N MET C 73 -25.79 -22.13 11.17
CA MET C 73 -25.44 -22.52 12.52
C MET C 73 -24.52 -21.51 13.16
N THR C 74 -23.59 -20.97 12.38
CA THR C 74 -22.69 -19.91 12.83
C THR C 74 -22.27 -19.03 11.67
N CYS C 75 -21.97 -17.77 11.97
CA CYS C 75 -21.48 -16.82 10.99
C CYS C 75 -20.60 -15.81 11.70
N PHE C 76 -19.32 -16.12 11.83
CA PHE C 76 -18.44 -15.31 12.66
C PHE C 76 -17.23 -14.78 11.93
N ASP C 77 -16.70 -13.65 12.41
CA ASP C 77 -15.57 -12.98 11.78
C ASP C 77 -14.30 -13.80 11.90
N VAL C 78 -13.43 -13.69 10.91
CA VAL C 78 -12.11 -14.29 11.02
C VAL C 78 -11.21 -13.25 11.67
N ALA C 79 -11.52 -12.92 12.91
CA ALA C 79 -10.77 -11.92 13.66
C ALA C 79 -10.66 -12.35 15.10
N PHE C 80 -9.47 -12.17 15.67
CA PHE C 80 -9.17 -12.74 16.97
C PHE C 80 -9.93 -12.11 18.12
N THR C 81 -10.42 -10.88 17.91
CA THR C 81 -11.15 -10.19 18.96
C THR C 81 -12.61 -10.64 19.04
N HIS C 82 -13.07 -11.40 18.04
CA HIS C 82 -14.47 -11.79 17.97
C HIS C 82 -14.80 -12.68 19.16
N LYS C 83 -16.04 -12.64 19.62
CA LYS C 83 -16.40 -13.30 20.86
C LYS C 83 -16.26 -14.81 20.75
N VAL C 84 -16.39 -15.34 19.54
CA VAL C 84 -16.27 -16.77 19.32
C VAL C 84 -14.87 -17.28 19.62
N HIS C 85 -13.86 -16.46 19.33
CA HIS C 85 -12.47 -16.85 19.52
C HIS C 85 -11.99 -16.58 20.92
N LYS C 86 -12.86 -16.04 21.76
CA LYS C 86 -12.46 -15.47 23.04
C LYS C 86 -11.76 -16.45 23.98
N ASN C 87 -12.15 -17.73 23.91
CA ASN C 87 -11.52 -18.74 24.76
C ASN C 87 -10.31 -19.42 24.11
N THR C 88 -10.14 -19.22 22.81
CA THR C 88 -9.12 -19.94 22.06
C THR C 88 -7.72 -19.51 22.42
N PHE C 89 -6.77 -20.44 22.32
CA PHE C 89 -5.38 -20.16 22.62
C PHE C 89 -4.79 -19.14 21.66
N LEU C 90 -5.24 -19.17 20.39
CA LEU C 90 -4.75 -18.18 19.42
C LEU C 90 -5.19 -16.76 19.73
N ALA C 91 -6.41 -16.58 20.20
CA ALA C 91 -6.86 -15.23 20.51
C ALA C 91 -6.08 -14.71 21.70
N GLY C 92 -5.72 -15.61 22.61
CA GLY C 92 -4.96 -15.21 23.78
C GLY C 92 -3.49 -14.97 23.47
N LEU C 93 -3.00 -15.58 22.41
CA LEU C 93 -1.60 -15.42 22.05
C LEU C 93 -1.47 -14.16 21.21
N ALA C 94 -2.47 -13.93 20.37
CA ALA C 94 -2.48 -12.79 19.47
C ALA C 94 -3.08 -11.58 20.13
N ASP C 95 -3.49 -11.74 21.38
CA ASP C 95 -3.91 -10.61 22.19
C ASP C 95 -2.69 -9.71 22.41
N TYR C 96 -1.50 -10.29 22.33
CA TYR C 96 -0.26 -9.58 22.60
C TYR C 96 0.43 -9.09 21.34
N TYR C 97 0.62 -9.97 20.37
CA TYR C 97 1.28 -9.59 19.13
C TYR C 97 0.46 -8.61 18.31
N ALA C 98 1.16 -7.71 17.61
CA ALA C 98 0.49 -6.59 16.95
C ALA C 98 -0.01 -6.92 15.54
N GLN C 99 0.65 -7.82 14.83
CA GLN C 99 0.25 -8.10 13.44
C GLN C 99 0.38 -9.58 13.09
N TYR C 100 -0.26 -10.00 11.99
CA TYR C 100 -0.14 -11.39 11.58
C TYR C 100 -0.30 -11.58 10.08
N GLN C 101 0.00 -12.79 9.61
CA GLN C 101 -0.45 -13.23 8.28
C GLN C 101 -0.60 -14.73 8.30
N GLY C 102 -1.19 -15.29 7.24
CA GLY C 102 -1.31 -16.73 7.12
C GLY C 102 -2.64 -17.34 7.50
N SER C 103 -2.87 -18.56 7.01
CA SER C 103 -4.14 -19.24 7.18
C SER C 103 -4.41 -19.78 8.58
N LEU C 104 -5.67 -19.74 8.99
CA LEU C 104 -6.16 -20.44 10.17
C LEU C 104 -6.68 -21.81 9.77
N ASN C 105 -6.87 -22.70 10.74
CA ASN C 105 -7.52 -23.98 10.51
C ASN C 105 -8.67 -24.19 11.46
N TYR C 106 -9.82 -24.61 10.94
CA TYR C 106 -10.96 -24.92 11.78
C TYR C 106 -11.31 -26.40 11.70
N HIS C 107 -11.36 -27.05 12.86
CA HIS C 107 -11.68 -28.46 12.94
C HIS C 107 -13.13 -28.65 13.34
N PHE C 108 -13.85 -29.44 12.56
CA PHE C 108 -15.24 -29.72 12.84
C PHE C 108 -15.41 -31.20 13.15
N MET C 109 -15.66 -31.54 14.41
CA MET C 109 -15.85 -32.94 14.75
C MET C 109 -17.31 -33.23 15.07
N TYR C 110 -17.94 -34.05 14.24
CA TYR C 110 -19.32 -34.43 14.45
C TYR C 110 -19.38 -35.35 15.65
N THR C 111 -20.47 -35.33 16.40
CA THR C 111 -20.51 -36.01 17.68
C THR C 111 -21.81 -36.81 17.86
N GLY C 112 -22.69 -36.72 16.88
CA GLY C 112 -24.01 -37.31 17.01
C GLY C 112 -24.02 -38.81 16.88
N PRO C 113 -25.20 -39.43 17.06
CA PRO C 113 -25.39 -40.87 17.05
C PRO C 113 -25.04 -41.48 15.71
N THR C 114 -24.55 -42.71 15.70
CA THR C 114 -24.08 -43.32 14.47
C THR C 114 -25.17 -43.47 13.40
N HIS C 115 -26.43 -43.60 13.81
CA HIS C 115 -27.49 -43.74 12.84
C HIS C 115 -27.91 -42.39 12.28
N HIS C 116 -27.78 -41.34 13.09
CA HIS C 116 -28.07 -39.99 12.65
C HIS C 116 -27.08 -39.58 11.59
N LYS C 117 -27.55 -38.98 10.51
CA LYS C 117 -26.66 -38.48 9.47
C LYS C 117 -26.95 -37.04 9.13
N ALA C 118 -25.91 -36.34 8.69
CA ALA C 118 -26.04 -34.92 8.38
C ALA C 118 -25.03 -34.53 7.32
N LYS C 119 -25.25 -33.38 6.72
CA LYS C 119 -24.36 -32.87 5.70
C LYS C 119 -24.14 -31.40 6.02
N PHE C 120 -22.93 -30.91 5.86
CA PHE C 120 -22.59 -29.56 6.28
C PHE C 120 -21.81 -28.87 5.20
N MET C 121 -21.78 -27.54 5.22
CA MET C 121 -20.82 -26.83 4.39
C MET C 121 -20.34 -25.57 5.09
N VAL C 122 -19.07 -25.25 4.91
CA VAL C 122 -18.49 -24.06 5.50
C VAL C 122 -18.01 -23.17 4.37
N ALA C 123 -18.16 -21.86 4.54
CA ALA C 123 -17.78 -20.94 3.47
C ALA C 123 -17.06 -19.72 4.02
N TYR C 124 -16.04 -19.28 3.29
CA TYR C 124 -15.26 -18.12 3.67
C TYR C 124 -15.62 -16.90 2.85
N ILE C 125 -16.17 -15.88 3.51
CA ILE C 125 -16.62 -14.69 2.82
C ILE C 125 -15.60 -13.56 2.94
N PRO C 126 -15.05 -13.13 1.81
CA PRO C 126 -14.03 -12.08 1.71
C PRO C 126 -14.55 -10.74 2.17
N PRO C 127 -13.68 -9.90 2.73
CA PRO C 127 -14.11 -8.63 3.31
C PRO C 127 -14.76 -7.70 2.31
N GLY C 128 -15.78 -6.99 2.76
CA GLY C 128 -16.44 -5.99 1.94
C GLY C 128 -16.50 -4.68 2.72
N ILE C 129 -17.15 -3.61 2.22
CA ILE C 129 -17.88 -3.51 0.94
C ILE C 129 -18.97 -4.58 0.83
N GLU C 130 -19.72 -4.75 1.91
CA GLU C 130 -20.91 -5.58 1.88
C GLU C 130 -22.03 -4.94 2.69
N THR C 131 -23.14 -4.71 2.01
CA THR C 131 -24.26 -3.95 2.55
C THR C 131 -25.13 -4.84 3.43
N ASP C 132 -24.72 -6.10 3.56
CA ASP C 132 -25.41 -7.11 4.37
C ASP C 132 -26.76 -7.51 3.73
N ARG C 133 -26.96 -8.79 3.35
CA ARG C 133 -26.09 -9.96 3.56
C ARG C 133 -25.89 -10.18 5.08
N LEU C 134 -25.08 -11.12 5.58
CA LEU C 134 -24.36 -12.17 4.87
C LEU C 134 -25.32 -13.27 4.41
N PRO C 135 -24.92 -14.07 3.41
CA PRO C 135 -25.89 -15.05 2.90
C PRO C 135 -26.38 -16.00 3.97
N LYS C 136 -27.67 -16.32 3.93
CA LYS C 136 -28.27 -17.12 4.98
C LYS C 136 -28.72 -18.49 4.51
N THR C 137 -28.44 -18.79 3.25
CA THR C 137 -28.73 -20.12 2.73
C THR C 137 -27.53 -20.67 1.97
N PRO C 138 -27.36 -21.99 1.98
CA PRO C 138 -26.23 -22.64 1.32
C PRO C 138 -26.14 -22.36 -0.17
N GLU C 139 -27.29 -22.21 -0.82
CA GLU C 139 -27.32 -21.93 -2.24
C GLU C 139 -26.69 -20.57 -2.52
N ASP C 140 -26.80 -19.68 -1.54
CA ASP C 140 -26.25 -18.34 -1.67
C ASP C 140 -24.77 -18.33 -1.32
N ALA C 141 -24.36 -19.21 -0.42
CA ALA C 141 -22.98 -19.29 0.02
C ALA C 141 -22.13 -20.15 -0.90
N ALA C 142 -22.78 -20.85 -1.83
CA ALA C 142 -22.08 -21.76 -2.72
C ALA C 142 -21.07 -21.04 -3.61
N HIS C 143 -21.36 -19.79 -3.92
CA HIS C 143 -20.49 -19.02 -4.82
C HIS C 143 -19.13 -18.74 -4.19
N CYS C 144 -19.12 -18.62 -2.87
CA CYS C 144 -17.89 -18.30 -2.13
C CYS C 144 -16.96 -19.50 -1.97
N TYR C 145 -15.69 -19.20 -1.76
CA TYR C 145 -14.69 -20.20 -1.39
C TYR C 145 -15.22 -21.08 -0.27
N HIS C 146 -15.77 -22.24 -0.61
CA HIS C 146 -16.38 -23.07 0.42
C HIS C 146 -15.90 -24.50 0.36
N SER C 147 -16.41 -25.33 1.26
CA SER C 147 -16.20 -26.77 1.19
C SER C 147 -17.38 -27.43 1.87
N GLU C 148 -17.60 -28.70 1.57
CA GLU C 148 -18.82 -29.35 2.02
C GLU C 148 -18.54 -30.81 2.35
N TRP C 149 -19.06 -31.29 3.47
CA TRP C 149 -18.74 -32.65 3.89
C TRP C 149 -19.93 -33.31 4.56
N ASP C 150 -20.06 -34.62 4.37
CA ASP C 150 -21.09 -35.36 5.09
C ASP C 150 -20.46 -36.27 6.13
N THR C 151 -21.20 -36.52 7.22
CA THR C 151 -20.70 -37.34 8.30
C THR C 151 -20.51 -38.78 7.87
N GLY C 152 -19.47 -39.42 8.37
CA GLY C 152 -19.17 -40.79 8.02
C GLY C 152 -18.28 -41.44 9.04
N LEU C 153 -17.55 -42.47 8.63
CA LEU C 153 -16.66 -43.17 9.54
C LEU C 153 -15.56 -42.25 10.07
N ASN C 154 -15.14 -41.30 9.24
CA ASN C 154 -14.14 -40.33 9.66
C ASN C 154 -14.82 -39.04 10.08
N SER C 155 -14.91 -38.82 11.39
CA SER C 155 -15.73 -37.74 11.93
C SER C 155 -15.19 -36.34 11.63
N GLN C 156 -13.91 -36.11 11.91
CA GLN C 156 -13.34 -34.77 11.85
C GLN C 156 -13.17 -34.23 10.43
N PHE C 157 -13.36 -32.93 10.26
CA PHE C 157 -13.10 -32.27 8.99
C PHE C 157 -12.34 -30.97 9.20
N THR C 158 -11.23 -30.81 8.50
CA THR C 158 -10.35 -29.66 8.71
C THR C 158 -10.40 -28.65 7.58
N PHE C 159 -11.10 -27.54 7.80
CA PHE C 159 -11.22 -26.51 6.78
C PHE C 159 -10.21 -25.40 7.00
N ALA C 160 -9.39 -25.13 5.99
CA ALA C 160 -8.36 -24.10 6.10
C ALA C 160 -8.84 -22.76 5.55
N VAL C 161 -8.68 -21.71 6.33
CA VAL C 161 -9.16 -20.38 5.95
C VAL C 161 -8.03 -19.53 5.40
N PRO C 162 -8.08 -19.23 4.10
CA PRO C 162 -7.01 -18.50 3.41
C PRO C 162 -6.81 -17.09 3.91
N TYR C 163 -5.58 -16.60 3.86
CA TYR C 163 -5.32 -15.21 4.18
C TYR C 163 -5.41 -14.40 2.91
N VAL C 164 -6.55 -13.75 2.70
CA VAL C 164 -6.73 -12.90 1.54
C VAL C 164 -6.93 -11.46 2.00
N SER C 165 -5.94 -10.61 1.75
CA SER C 165 -6.06 -9.19 2.08
C SER C 165 -5.12 -8.35 1.23
N ALA C 166 -5.45 -7.08 1.08
CA ALA C 166 -4.66 -6.18 0.24
C ALA C 166 -3.26 -5.97 0.79
N SER C 167 -3.14 -5.97 2.12
CA SER C 167 -1.86 -5.71 2.76
C SER C 167 -1.19 -6.99 3.21
N ASP C 168 0.13 -7.00 3.21
CA ASP C 168 0.88 -8.22 3.52
C ASP C 168 0.64 -8.70 4.94
N PHE C 169 0.36 -7.76 5.85
CA PHE C 169 0.02 -8.09 7.23
C PHE C 169 -1.23 -7.35 7.62
N SER C 170 -1.97 -7.87 8.59
CA SER C 170 -3.18 -7.23 9.02
C SER C 170 -3.27 -7.22 10.54
N TYR C 171 -3.87 -6.18 11.09
CA TYR C 171 -3.87 -5.98 12.52
C TYR C 171 -4.67 -7.08 13.21
N THR C 172 -4.21 -7.50 14.39
CA THR C 172 -4.97 -8.46 15.18
C THR C 172 -6.11 -7.77 15.90
N HIS C 173 -5.83 -6.66 16.56
CA HIS C 173 -6.85 -5.85 17.20
C HIS C 173 -7.70 -5.10 16.18
N THR C 174 -8.99 -4.95 16.47
CA THR C 174 -9.86 -4.20 15.58
C THR C 174 -9.84 -2.72 15.94
N ASP C 175 -9.67 -1.88 14.92
CA ASP C 175 -9.66 -0.44 15.11
C ASP C 175 -11.07 -0.01 15.53
N THR C 176 -11.15 1.00 16.40
CA THR C 176 -12.42 1.42 16.97
C THR C 176 -13.48 1.82 15.92
N PRO C 177 -13.11 2.65 14.91
CA PRO C 177 -14.19 2.94 13.96
C PRO C 177 -14.28 1.96 12.80
N ALA C 178 -15.29 1.10 12.80
CA ALA C 178 -15.51 0.17 11.69
C ALA C 178 -16.97 -0.23 11.59
N MET C 179 -17.48 -0.27 10.36
CA MET C 179 -18.86 -0.68 10.12
C MET C 179 -18.87 -2.04 9.41
N ALA C 180 -17.68 -2.55 9.10
CA ALA C 180 -17.55 -3.83 8.42
C ALA C 180 -16.19 -4.46 8.69
N THR C 181 -16.12 -5.77 8.58
CA THR C 181 -14.92 -6.52 8.91
C THR C 181 -13.80 -6.30 7.90
N THR C 182 -12.56 -6.37 8.37
CA THR C 182 -11.40 -6.18 7.51
C THR C 182 -10.71 -7.49 7.17
N ASN C 183 -11.21 -8.60 7.70
CA ASN C 183 -10.62 -9.90 7.42
C ASN C 183 -11.63 -10.92 6.93
N GLY C 184 -12.91 -10.55 6.97
CA GLY C 184 -13.95 -11.37 6.38
C GLY C 184 -14.59 -12.37 7.31
N TRP C 185 -15.75 -12.87 6.89
CA TRP C 185 -16.56 -13.79 7.68
C TRP C 185 -16.26 -15.22 7.33
N VAL C 186 -16.74 -16.13 8.15
CA VAL C 186 -16.82 -17.54 7.80
C VAL C 186 -18.13 -18.04 8.37
N ALA C 187 -18.76 -19.00 7.69
CA ALA C 187 -20.08 -19.44 8.10
C ALA C 187 -20.25 -20.94 7.94
N VAL C 188 -21.01 -21.57 8.83
CA VAL C 188 -21.10 -23.02 8.85
C VAL C 188 -22.54 -23.50 8.71
N PHE C 189 -23.02 -23.55 7.47
CA PHE C 189 -24.37 -24.01 7.15
C PHE C 189 -24.59 -25.51 7.35
N GLN C 190 -25.75 -25.88 7.89
CA GLN C 190 -26.28 -27.22 7.72
C GLN C 190 -27.06 -27.20 6.42
N VAL C 191 -27.24 -28.34 5.76
CA VAL C 191 -27.87 -28.30 4.44
C VAL C 191 -29.00 -29.31 4.22
N THR C 192 -29.95 -29.41 5.14
CA THR C 192 -31.12 -30.26 4.89
C THR C 192 -32.37 -29.97 5.74
N ASP C 193 -32.18 -29.35 6.91
CA ASP C 193 -33.29 -28.87 7.73
C ASP C 193 -34.31 -29.90 8.22
N THR C 194 -33.91 -31.16 8.33
CA THR C 194 -34.76 -32.18 8.94
C THR C 194 -33.92 -33.06 9.84
N HIS C 195 -33.92 -32.78 11.13
CA HIS C 195 -33.03 -33.46 12.05
C HIS C 195 -33.68 -33.83 13.37
N SER C 196 -34.29 -35.00 13.44
CA SER C 196 -34.79 -35.49 14.71
C SER C 196 -33.81 -36.52 15.27
N ALA C 197 -33.02 -36.14 16.27
CA ALA C 197 -33.07 -34.81 16.88
C ALA C 197 -31.70 -34.40 17.41
N GLU C 198 -31.58 -33.13 17.78
CA GLU C 198 -30.42 -32.58 18.47
C GLU C 198 -29.13 -32.70 17.68
N ALA C 199 -28.31 -33.71 17.99
CA ALA C 199 -26.95 -33.85 17.45
C ALA C 199 -26.08 -32.64 17.80
N ALA C 200 -24.79 -32.72 17.51
CA ALA C 200 -23.88 -31.62 17.84
C ALA C 200 -22.59 -31.69 17.05
N VAL C 201 -22.03 -30.53 16.71
CA VAL C 201 -20.76 -30.46 16.01
C VAL C 201 -19.76 -29.63 16.80
N VAL C 202 -18.77 -30.29 17.39
CA VAL C 202 -17.72 -29.60 18.11
C VAL C 202 -16.87 -28.83 17.11
N VAL C 203 -16.46 -27.62 17.46
CA VAL C 203 -15.65 -26.79 16.58
C VAL C 203 -14.40 -26.35 17.32
N SER C 204 -13.27 -26.28 16.63
CA SER C 204 -12.04 -25.82 17.25
C SER C 204 -11.18 -25.13 16.22
N VAL C 205 -10.12 -24.45 16.67
CA VAL C 205 -9.28 -23.70 15.76
C VAL C 205 -7.81 -23.88 16.12
N SER C 206 -6.95 -23.88 15.12
CA SER C 206 -5.52 -23.95 15.34
C SER C 206 -4.79 -23.29 14.19
N ALA C 207 -3.61 -22.75 14.47
CA ALA C 207 -2.87 -21.99 13.47
C ALA C 207 -2.45 -22.88 12.32
N GLY C 208 -2.45 -22.33 11.12
CA GLY C 208 -2.05 -23.08 9.96
C GLY C 208 -0.54 -23.17 9.88
N PRO C 209 -0.02 -23.95 8.94
CA PRO C 209 1.42 -24.14 8.76
C PRO C 209 2.17 -22.85 8.48
N ASP C 210 1.50 -21.90 7.82
CA ASP C 210 2.17 -20.69 7.37
C ASP C 210 1.85 -19.44 8.18
N LEU C 211 1.08 -19.56 9.25
CA LEU C 211 0.69 -18.40 10.03
C LEU C 211 1.89 -17.80 10.75
N GLU C 212 1.91 -16.47 10.87
CA GLU C 212 3.02 -15.78 11.50
C GLU C 212 2.60 -14.49 12.17
N PHE C 213 2.86 -14.41 13.47
CA PHE C 213 2.69 -13.19 14.25
C PHE C 213 3.94 -12.33 14.21
N ARG C 214 3.77 -11.03 14.44
CA ARG C 214 4.91 -10.13 14.50
C ARG C 214 4.60 -8.97 15.43
N PHE C 215 5.66 -8.42 16.03
CA PHE C 215 5.62 -7.32 16.99
C PHE C 215 4.92 -7.64 18.30
N PRO C 216 5.66 -8.12 19.29
CA PRO C 216 5.05 -8.26 20.61
C PRO C 216 4.64 -6.91 21.18
N VAL C 217 3.53 -6.91 21.91
CA VAL C 217 2.99 -5.71 22.54
C VAL C 217 2.38 -6.18 23.85
N ASP C 218 2.32 -5.30 24.83
CA ASP C 218 1.71 -5.66 26.11
C ASP C 218 0.66 -4.62 26.47
N PRO C 219 -0.52 -4.74 25.84
CA PRO C 219 -1.62 -3.78 25.97
C PRO C 219 -2.14 -3.74 27.39
N VAL C 220 -2.56 -2.56 27.85
CA VAL C 220 -3.08 -2.44 29.19
C VAL C 220 -4.53 -2.88 29.21
N ARG C 221 -4.83 -3.90 30.02
CA ARG C 221 -6.20 -4.37 30.15
C ARG C 221 -6.78 -4.04 31.52
N GLN C 222 -7.94 -3.40 31.53
CA GLN C 222 -8.63 -3.04 30.29
C GLN C 222 -8.14 -1.71 29.72
N SER D 15 26.22 3.53 3.44
CA SER D 15 25.16 3.92 2.52
C SER D 15 24.29 5.00 3.13
N GLY D 16 24.07 6.08 2.38
CA GLY D 16 23.42 7.26 2.94
C GLY D 16 24.41 8.10 3.71
N ASN D 17 23.90 9.06 4.49
CA ASN D 17 24.76 9.94 5.26
C ASN D 17 25.19 9.23 6.54
N THR D 18 25.89 8.11 6.39
CA THR D 18 26.48 7.38 7.51
C THR D 18 27.85 6.91 7.10
N GLY D 19 28.77 6.81 8.04
CA GLY D 19 30.11 6.37 7.73
C GLY D 19 31.08 6.37 8.89
N SER D 20 31.81 5.28 9.03
CA SER D 20 32.83 5.14 10.05
C SER D 20 33.89 4.14 9.60
N ILE D 21 35.11 4.33 10.06
CA ILE D 21 36.18 3.40 9.76
C ILE D 21 35.85 2.04 10.36
N ILE D 22 35.12 2.06 11.46
CA ILE D 22 34.77 0.84 12.17
C ILE D 22 33.53 0.28 11.49
N ASN D 23 32.57 -0.21 12.27
CA ASN D 23 31.28 -0.66 11.76
C ASN D 23 30.30 -0.68 12.92
N ASN D 24 29.01 -0.72 12.61
CA ASN D 24 27.99 -0.58 13.63
C ASN D 24 28.11 -1.69 14.67
N TYR D 25 28.00 -1.31 15.94
CA TYR D 25 28.25 -2.23 17.03
C TYR D 25 27.22 -3.34 17.11
N TYR D 26 25.96 -2.99 16.93
CA TYR D 26 24.86 -3.94 16.97
C TYR D 26 24.75 -4.73 15.67
N MET D 27 24.19 -5.93 15.74
CA MET D 27 23.99 -6.74 14.56
C MET D 27 23.01 -6.05 13.62
N GLN D 28 23.14 -6.34 12.33
CA GLN D 28 22.28 -5.74 11.32
C GLN D 28 20.81 -6.05 11.56
N GLN D 29 20.54 -7.20 12.18
CA GLN D 29 19.16 -7.59 12.48
C GLN D 29 18.50 -6.66 13.48
N TYR D 30 19.29 -6.05 14.36
CA TYR D 30 18.78 -5.14 15.37
C TYR D 30 18.72 -3.70 14.91
N GLN D 31 19.66 -3.31 14.06
CA GLN D 31 19.76 -1.92 13.65
C GLN D 31 18.77 -1.56 12.56
N ASN D 32 18.58 -2.45 11.60
CA ASN D 32 17.72 -2.17 10.45
C ASN D 32 16.78 -3.32 10.14
N SER D 33 15.58 -2.99 9.67
CA SER D 33 14.64 -4.01 9.24
C SER D 33 15.20 -4.76 8.04
N MET D 34 15.12 -6.08 8.09
CA MET D 34 15.59 -6.92 7.00
C MET D 34 14.64 -6.84 5.81
N ASP D 35 15.20 -6.85 4.60
CA ASP D 35 14.38 -6.90 3.39
C ASP D 35 14.08 -8.34 2.99
N THR D 36 13.01 -8.54 2.24
CA THR D 36 12.66 -9.89 1.78
C THR D 36 12.36 -9.94 0.29
N GLN D 37 13.02 -10.85 -0.40
CA GLN D 37 12.79 -11.02 -1.84
C GLN D 37 11.47 -11.75 -2.01
N LEU D 38 10.80 -11.49 -3.13
CA LEU D 38 9.51 -12.12 -3.42
C LEU D 38 9.67 -13.58 -3.81
N GLY D 39 10.78 -14.19 -3.40
CA GLY D 39 11.05 -15.58 -3.69
C GLY D 39 11.19 -16.41 -2.44
N ASP D 40 10.49 -17.52 -2.38
CA ASP D 40 10.54 -18.40 -1.21
C ASP D 40 11.96 -18.60 -0.70
N ASN D 65 15.64 -2.19 -10.93
CA ASN D 65 14.52 -1.72 -10.12
C ASN D 65 14.36 -0.22 -10.30
N ASP D 66 15.49 0.48 -10.38
CA ASP D 66 15.51 1.92 -10.60
C ASP D 66 14.98 2.26 -11.99
N TRP D 67 14.31 3.40 -12.13
CA TRP D 67 13.71 3.79 -13.41
C TRP D 67 14.29 5.06 -14.00
N PHE D 68 14.25 6.15 -13.25
CA PHE D 68 14.64 7.45 -13.79
C PHE D 68 16.11 7.55 -14.18
N SER D 69 16.94 6.67 -13.65
CA SER D 69 18.29 6.57 -14.16
C SER D 69 18.25 6.12 -15.61
N LYS D 70 17.48 5.07 -15.87
CA LYS D 70 17.35 4.54 -17.23
C LYS D 70 16.67 5.55 -18.15
N LEU D 71 15.70 6.27 -17.59
CA LEU D 71 14.96 7.24 -18.37
C LEU D 71 15.87 8.40 -18.77
N ALA D 72 16.68 8.86 -17.84
CA ALA D 72 17.63 9.92 -18.11
C ALA D 72 18.73 9.46 -19.05
N GLN D 73 19.05 8.18 -19.01
CA GLN D 73 20.06 7.63 -19.91
C GLN D 73 19.50 7.33 -21.29
N SER D 74 18.18 7.39 -21.43
CA SER D 74 17.56 7.16 -22.74
C SER D 74 17.66 8.40 -23.63
N ALA D 75 18.12 9.50 -23.06
CA ALA D 75 18.13 10.79 -23.74
C ALA D 75 19.00 10.79 -24.98
N ILE D 76 18.55 11.51 -26.01
CA ILE D 76 19.30 11.59 -27.26
C ILE D 76 19.89 12.99 -27.43
N SER D 77 21.15 13.15 -27.03
CA SER D 77 21.85 14.42 -27.18
C SER D 77 22.38 14.63 -28.59
N GLY D 78 22.40 13.56 -29.38
CA GLY D 78 22.91 13.62 -30.74
C GLY D 78 22.09 14.57 -31.59
N LEU D 79 22.77 15.52 -32.24
CA LEU D 79 22.08 16.55 -33.01
C LEU D 79 21.30 15.96 -34.18
N PHE D 80 20.05 16.40 -34.32
CA PHE D 80 19.18 15.95 -35.40
C PHE D 80 19.43 16.68 -36.71
N GLY D 81 19.14 15.99 -37.82
CA GLY D 81 19.32 16.56 -39.13
C GLY D 81 20.76 16.48 -39.59
N ALA D 82 21.04 17.07 -40.75
CA ALA D 82 22.39 17.04 -41.30
C ALA D 82 23.21 18.20 -40.75
N LEU D 83 23.97 17.95 -39.69
CA LEU D 83 24.86 18.94 -39.14
C LEU D 83 25.94 19.32 -40.15
N LEU D 84 26.31 20.59 -40.15
CA LEU D 84 27.28 21.10 -41.09
C LEU D 84 28.20 22.09 -40.38
N ALA D 85 29.42 22.24 -40.90
CA ALA D 85 30.42 23.15 -40.34
C ALA D 85 30.80 22.79 -38.91
#